data_2WOA
#
_entry.id   2WOA
#
_cell.length_a   46.156
_cell.length_b   65.339
_cell.length_c   68.332
_cell.angle_alpha   66.11
_cell.angle_beta   84.12
_cell.angle_gamma   71.46
#
_symmetry.space_group_name_H-M   'P 1'
#
loop_
_entity.id
_entity.type
_entity.pdbx_description
1 polymer 'MACROPHAGE METALLOELASTASE'
2 non-polymer 'SULFATE ION'
3 non-polymer 'ZINC ION'
4 non-polymer 'CALCIUM ION'
5 non-polymer '(3S)-5-(9H-FLUOREN-2-YL)-3-HYDROXYPENTANOIC ACID'
6 non-polymer N^2^-[(2R)-2-{(1S)-1-[FORMYL(HYDROXY)AMINO]ETHYL}-5-PHENYLPENTANOYL]-N,3-DIMETHYL-L-VALINAMIDE
7 non-polymer GLYCEROL
8 water water
#
_entity_poly.entity_id   1
_entity_poly.type   'polypeptide(L)'
_entity_poly.pdbx_seq_one_letter_code
;MGPVWRKHYITYRINNYTPDMNREDVDYAIRKAFQVWSNVTPLKFSKINTGMADILVVFARGAHGDFHAFDGKGGILAHA
FGPGSGIGGDAHFDEDEFWTTHSGGTNLFLTAVHEIGHSLGLGHSSDPKAVMFPTYKYVDINTFRLSADDIRGIQSLYGD
PKEN
;
_entity_poly.pdbx_strand_id   A,B,C,D
#
# COMPACT_ATOMS: atom_id res chain seq x y z
N MET A 1 27.55 10.00 -7.97
CA MET A 1 26.39 10.42 -7.12
C MET A 1 25.10 9.68 -7.45
N GLY A 2 24.25 9.54 -6.44
CA GLY A 2 22.98 8.83 -6.55
C GLY A 2 21.85 9.60 -5.92
N PRO A 3 20.62 9.19 -6.22
CA PRO A 3 19.40 9.88 -5.76
C PRO A 3 19.35 10.11 -4.25
N VAL A 4 18.95 11.32 -3.86
CA VAL A 4 18.69 11.63 -2.49
C VAL A 4 17.37 12.40 -2.38
N TRP A 5 16.80 12.39 -1.18
CA TRP A 5 15.64 13.18 -0.93
C TRP A 5 16.11 14.63 -1.11
N ARG A 6 15.28 15.46 -1.75
CA ARG A 6 15.66 16.84 -2.01
C ARG A 6 15.05 17.83 -1.02
N LYS A 7 14.61 17.35 0.12
CA LYS A 7 14.05 18.20 1.17
C LYS A 7 14.42 17.55 2.48
N HIS A 8 14.45 18.35 3.54
CA HIS A 8 14.81 17.82 4.84
C HIS A 8 13.63 17.35 5.68
N TYR A 9 12.45 17.80 5.31
CA TYR A 9 11.25 17.36 6.02
C TYR A 9 10.61 16.20 5.25
N ILE A 10 10.65 15.01 5.85
CA ILE A 10 10.17 13.78 5.23
C ILE A 10 9.06 13.12 6.04
N THR A 11 8.03 12.68 5.33
CA THR A 11 6.89 12.06 5.98
C THR A 11 6.92 10.57 5.77
N TYR A 12 6.38 9.83 6.73
CA TYR A 12 6.22 8.38 6.54
C TYR A 12 4.85 7.98 7.03
N ARG A 13 4.32 6.90 6.48
CA ARG A 13 3.02 6.45 6.87
C ARG A 13 3.11 4.94 6.90
N ILE A 14 2.54 4.33 7.94
CA ILE A 14 2.48 2.89 8.06
C ILE A 14 1.21 2.44 7.36
N ASN A 15 1.36 1.79 6.20
CA ASN A 15 0.21 1.35 5.38
C ASN A 15 -0.66 0.37 6.12
N ASN A 16 -0.03 -0.62 6.73
CA ASN A 16 -0.72 -1.67 7.46
C ASN A 16 0.18 -2.26 8.56
N TYR A 17 -0.39 -3.13 9.39
CA TYR A 17 0.32 -3.64 10.56
C TYR A 17 0.49 -5.15 10.64
N THR A 18 1.68 -5.58 11.06
CA THR A 18 1.88 -7.02 11.28
C THR A 18 1.03 -7.41 12.49
N PRO A 19 0.50 -8.64 12.50
CA PRO A 19 -0.24 -9.08 13.70
C PRO A 19 0.69 -9.53 14.81
N ASP A 20 1.98 -9.57 14.52
CA ASP A 20 3.00 -10.11 15.44
C ASP A 20 3.29 -9.27 16.70
N MET A 21 3.07 -7.96 16.61
CA MET A 21 3.29 -7.07 17.73
C MET A 21 2.12 -6.09 17.78
N ASN A 22 1.80 -5.56 18.95
CA ASN A 22 0.70 -4.60 19.01
C ASN A 22 1.02 -3.33 18.21
N ARG A 23 0.02 -2.48 17.97
CA ARG A 23 0.26 -1.24 17.25
C ARG A 23 1.33 -0.36 17.88
N GLU A 24 1.21 -0.04 19.17
CA GLU A 24 2.20 0.79 19.86
C GLU A 24 3.65 0.36 19.54
N ASP A 25 3.92 -0.95 19.64
CA ASP A 25 5.25 -1.49 19.40
C ASP A 25 5.72 -1.39 17.96
N VAL A 26 4.82 -1.52 16.97
CA VAL A 26 5.20 -1.32 15.59
C VAL A 26 5.54 0.15 15.40
N ASP A 27 4.68 1.01 15.91
CA ASP A 27 4.85 2.45 15.74
C ASP A 27 6.20 2.90 16.32
N TYR A 28 6.51 2.42 17.52
CA TYR A 28 7.74 2.79 18.24
C TYR A 28 8.98 2.23 17.55
N ALA A 29 8.97 0.95 17.13
CA ALA A 29 10.12 0.41 16.43
C ALA A 29 10.47 1.27 15.20
N ILE A 30 9.42 1.68 14.45
CA ILE A 30 9.58 2.46 13.22
C ILE A 30 10.03 3.89 13.54
N ARG A 31 9.36 4.53 14.49
CA ARG A 31 9.74 5.88 14.93
C ARG A 31 11.21 5.89 15.37
N LYS A 32 11.57 4.94 16.23
CA LYS A 32 12.92 4.86 16.74
C LYS A 32 13.96 4.58 15.64
N ALA A 33 13.55 3.89 14.57
CA ALA A 33 14.46 3.58 13.47
C ALA A 33 14.72 4.83 12.63
N PHE A 34 13.69 5.65 12.42
CA PHE A 34 13.91 6.91 11.73
C PHE A 34 14.81 7.81 12.61
N GLN A 35 14.57 7.76 13.92
CA GLN A 35 15.33 8.59 14.85
C GLN A 35 16.83 8.33 14.80
N VAL A 36 17.22 7.08 14.52
CA VAL A 36 18.63 6.78 14.45
C VAL A 36 19.32 7.59 13.35
N TRP A 37 18.61 7.82 12.24
CA TRP A 37 19.17 8.53 11.08
C TRP A 37 19.06 10.03 11.21
N SER A 38 17.95 10.47 11.78
CA SER A 38 17.72 11.88 12.04
C SER A 38 18.73 12.35 13.12
N ASN A 39 19.24 11.47 13.96
CA ASN A 39 20.23 11.90 14.92
C ASN A 39 21.59 12.29 14.29
N VAL A 40 21.86 11.85 13.07
CA VAL A 40 23.21 12.11 12.52
C VAL A 40 23.24 12.92 11.22
N THR A 41 22.09 13.46 10.83
CA THR A 41 21.91 14.24 9.60
C THR A 41 20.94 15.37 9.94
N PRO A 42 20.69 16.27 8.97
CA PRO A 42 19.69 17.34 9.15
C PRO A 42 18.27 16.89 8.89
N LEU A 43 18.06 15.63 8.59
CA LEU A 43 16.72 15.13 8.26
C LEU A 43 15.72 15.09 9.43
N LYS A 44 14.46 15.44 9.13
CA LYS A 44 13.32 15.37 10.06
C LYS A 44 12.25 14.41 9.52
N PHE A 45 11.84 13.44 10.35
CA PHE A 45 10.84 12.45 9.96
C PHE A 45 9.55 12.62 10.77
N SER A 46 8.40 12.65 10.10
CA SER A 46 7.07 12.77 10.75
C SER A 46 6.07 11.73 10.23
N LYS A 47 5.32 11.13 11.15
CA LYS A 47 4.34 10.12 10.81
C LYS A 47 3.05 10.81 10.40
N ILE A 48 2.48 10.41 9.26
CA ILE A 48 1.14 10.88 8.85
C ILE A 48 0.21 9.67 8.73
N ASN A 49 -1.10 9.89 8.88
CA ASN A 49 -2.08 8.81 8.79
C ASN A 49 -3.03 8.96 7.59
N THR A 50 -2.95 10.10 6.92
CA THR A 50 -3.77 10.31 5.73
C THR A 50 -2.90 11.01 4.69
N GLY A 51 -3.32 10.94 3.43
CA GLY A 51 -2.58 11.57 2.35
C GLY A 51 -1.41 10.71 1.92
N MET A 52 -0.78 11.10 0.81
CA MET A 52 0.40 10.40 0.29
C MET A 52 1.66 10.83 1.02
N ALA A 53 2.38 9.85 1.59
CA ALA A 53 3.62 10.10 2.33
C ALA A 53 4.81 9.89 1.40
N ASP A 54 5.97 10.41 1.81
CA ASP A 54 7.20 10.25 1.04
C ASP A 54 7.62 8.80 1.08
N ILE A 55 7.47 8.22 2.27
CA ILE A 55 7.92 6.86 2.52
C ILE A 55 6.79 6.03 3.10
N LEU A 56 6.32 5.05 2.33
CA LEU A 56 5.27 4.18 2.82
C LEU A 56 5.87 2.94 3.45
N VAL A 57 5.44 2.59 4.66
CA VAL A 57 5.91 1.36 5.34
C VAL A 57 4.82 0.29 5.16
N VAL A 58 5.19 -0.84 4.56
CA VAL A 58 4.23 -1.90 4.22
C VAL A 58 4.64 -3.29 4.72
N PHE A 59 3.68 -4.04 5.24
CA PHE A 59 3.89 -5.42 5.60
C PHE A 59 3.17 -6.21 4.49
N ALA A 60 3.90 -7.12 3.83
CA ALA A 60 3.33 -7.95 2.74
C ALA A 60 4.10 -9.29 2.65
N ARG A 61 3.48 -10.28 1.98
CA ARG A 61 4.06 -11.63 1.83
C ARG A 61 4.05 -12.10 0.36
N GLY A 62 5.01 -12.94 0.00
CA GLY A 62 5.15 -13.39 -1.39
C GLY A 62 5.04 -12.22 -2.35
N ALA A 63 4.38 -12.44 -3.49
CA ALA A 63 4.23 -11.37 -4.50
C ALA A 63 3.22 -10.34 -4.04
N HIS A 64 3.54 -9.06 -4.21
CA HIS A 64 2.69 -8.01 -3.70
C HIS A 64 2.67 -6.78 -4.59
N GLY A 65 2.99 -6.95 -5.86
CA GLY A 65 2.81 -5.86 -6.82
C GLY A 65 4.00 -5.05 -7.29
N ASP A 66 5.22 -5.40 -6.84
CA ASP A 66 6.37 -4.59 -7.21
C ASP A 66 7.48 -5.33 -7.92
N PHE A 67 7.16 -6.50 -8.48
CA PHE A 67 8.15 -7.28 -9.23
C PHE A 67 9.21 -7.87 -8.33
N HIS A 68 9.08 -7.68 -7.02
CA HIS A 68 10.06 -8.19 -6.07
C HIS A 68 9.42 -9.05 -4.97
N ALA A 69 8.80 -10.14 -5.40
CA ALA A 69 8.12 -11.07 -4.53
C ALA A 69 8.95 -11.50 -3.32
N PHE A 70 8.31 -11.52 -2.16
CA PHE A 70 8.92 -12.05 -0.95
C PHE A 70 9.01 -13.57 -1.04
N ASP A 71 9.70 -14.19 -0.12
CA ASP A 71 10.01 -15.59 -0.30
C ASP A 71 9.67 -16.46 0.91
N GLY A 72 8.61 -16.12 1.64
CA GLY A 72 8.28 -16.89 2.86
C GLY A 72 9.27 -16.66 4.01
N LYS A 73 9.08 -17.39 5.11
CA LYS A 73 9.89 -17.20 6.31
C LYS A 73 11.37 -17.52 6.10
N GLY A 74 12.21 -16.57 6.50
CA GLY A 74 13.66 -16.62 6.34
C GLY A 74 14.05 -15.88 5.06
N GLY A 75 15.29 -16.07 4.59
CA GLY A 75 15.75 -15.46 3.33
C GLY A 75 15.65 -13.95 3.38
N ILE A 76 15.15 -13.32 2.34
CA ILE A 76 14.96 -11.88 2.38
C ILE A 76 13.96 -11.51 3.49
N LEU A 77 14.35 -10.65 4.43
CA LEU A 77 13.44 -10.20 5.51
C LEU A 77 12.59 -8.96 5.14
N ALA A 78 13.13 -8.16 4.23
CA ALA A 78 12.51 -6.91 3.83
C ALA A 78 13.30 -6.31 2.68
N HIS A 79 12.75 -5.27 2.07
CA HIS A 79 13.47 -4.56 1.04
C HIS A 79 12.92 -3.15 0.93
N ALA A 80 13.67 -2.25 0.29
CA ALA A 80 13.28 -0.85 0.20
C ALA A 80 13.81 -0.20 -1.06
N PHE A 81 13.11 0.83 -1.49
CA PHE A 81 13.46 1.56 -2.69
C PHE A 81 14.07 2.92 -2.35
N GLY A 82 15.16 3.27 -3.02
CA GLY A 82 15.80 4.56 -2.81
C GLY A 82 14.88 5.73 -3.13
N PRO A 83 15.34 6.95 -2.79
CA PRO A 83 14.58 8.16 -3.04
C PRO A 83 14.13 8.27 -4.50
N GLY A 84 12.86 8.61 -4.67
CA GLY A 84 12.26 8.75 -5.99
C GLY A 84 10.81 9.09 -5.75
N SER A 85 10.01 9.19 -6.81
CA SER A 85 8.59 9.45 -6.59
C SER A 85 7.83 8.14 -6.80
N GLY A 86 6.59 8.09 -6.33
CA GLY A 86 5.77 6.90 -6.46
C GLY A 86 6.19 5.91 -5.40
N ILE A 87 6.77 4.79 -5.83
CA ILE A 87 7.16 3.75 -4.89
C ILE A 87 8.53 4.12 -4.25
N GLY A 88 9.21 5.09 -4.86
CA GLY A 88 10.52 5.54 -4.38
C GLY A 88 10.45 5.89 -2.91
N GLY A 89 11.40 5.36 -2.15
CA GLY A 89 11.49 5.53 -0.70
C GLY A 89 10.75 4.51 0.16
N ASP A 90 9.86 3.73 -0.44
CA ASP A 90 9.06 2.80 0.36
C ASP A 90 9.86 1.63 0.93
N ALA A 91 9.43 1.17 2.10
CA ALA A 91 10.04 0.06 2.83
C ALA A 91 9.02 -1.07 3.03
N HIS A 92 9.37 -2.27 2.53
CA HIS A 92 8.52 -3.45 2.64
C HIS A 92 9.11 -4.51 3.56
N PHE A 93 8.29 -4.96 4.50
CA PHE A 93 8.71 -6.00 5.43
C PHE A 93 7.94 -7.29 5.15
N ASP A 94 8.67 -8.40 5.04
CA ASP A 94 8.09 -9.70 4.72
C ASP A 94 7.26 -10.21 5.88
N GLU A 95 5.94 -10.08 5.71
CA GLU A 95 4.98 -10.49 6.71
C GLU A 95 5.18 -11.95 7.13
N ASP A 96 5.85 -12.76 6.29
CA ASP A 96 6.11 -14.16 6.69
C ASP A 96 7.15 -14.33 7.80
N GLU A 97 7.91 -13.28 8.12
CA GLU A 97 8.83 -13.33 9.25
C GLU A 97 8.00 -13.11 10.51
N PHE A 98 8.58 -13.46 11.64
CA PHE A 98 7.90 -13.21 12.89
C PHE A 98 8.58 -11.98 13.47
N TRP A 99 7.85 -10.88 13.49
CA TRP A 99 8.42 -9.61 13.94
C TRP A 99 8.33 -9.46 15.45
N THR A 100 9.43 -9.11 16.09
CA THR A 100 9.46 -8.94 17.56
C THR A 100 10.04 -7.61 18.06
N THR A 101 9.75 -7.26 19.32
CA THR A 101 10.26 -6.04 19.96
C THR A 101 11.72 -6.28 20.36
N HIS A 102 12.06 -7.56 20.54
CA HIS A 102 13.43 -7.96 20.89
C HIS A 102 13.99 -9.06 20.00
N SER A 103 14.68 -10.03 20.59
CA SER A 103 15.31 -11.11 19.83
C SER A 103 14.50 -12.39 19.70
N GLY A 104 13.22 -12.35 20.05
CA GLY A 104 12.39 -13.55 19.96
C GLY A 104 12.35 -14.12 18.56
N GLY A 105 12.62 -13.28 17.56
CA GLY A 105 12.60 -13.72 16.16
C GLY A 105 13.30 -12.63 15.36
N THR A 106 12.63 -12.09 14.33
CA THR A 106 13.24 -11.03 13.54
C THR A 106 12.91 -9.67 14.15
N ASN A 107 13.93 -8.99 14.69
CA ASN A 107 13.73 -7.68 15.32
C ASN A 107 13.29 -6.63 14.31
N LEU A 108 12.13 -6.01 14.54
CA LEU A 108 11.64 -5.00 13.60
C LEU A 108 12.48 -3.68 13.55
N PHE A 109 12.81 -3.14 14.72
CA PHE A 109 13.62 -1.93 14.83
C PHE A 109 14.91 -2.05 14.02
N LEU A 110 15.67 -3.09 14.28
CA LEU A 110 16.96 -3.25 13.60
C LEU A 110 16.74 -3.37 12.10
N THR A 111 15.82 -4.24 11.71
CA THR A 111 15.52 -4.41 10.31
C THR A 111 15.06 -3.09 9.70
N ALA A 112 14.23 -2.31 10.42
CA ALA A 112 13.78 -1.03 9.86
C ALA A 112 14.92 -0.05 9.66
N VAL A 113 15.83 0.04 10.63
CA VAL A 113 16.97 0.92 10.47
C VAL A 113 17.72 0.62 9.14
N HIS A 114 17.95 -0.65 8.87
CA HIS A 114 18.62 -1.08 7.65
C HIS A 114 17.86 -0.65 6.43
N GLU A 115 16.54 -0.89 6.42
CA GLU A 115 15.68 -0.55 5.28
C GLU A 115 15.54 0.96 5.06
N ILE A 116 15.39 1.72 6.14
CA ILE A 116 15.34 3.18 6.04
C ILE A 116 16.65 3.73 5.42
N GLY A 117 17.76 3.11 5.81
CA GLY A 117 19.05 3.44 5.18
C GLY A 117 18.87 3.34 3.67
N HIS A 118 18.28 2.26 3.21
CA HIS A 118 18.03 2.14 1.78
C HIS A 118 17.08 3.22 1.28
N SER A 119 15.98 3.50 1.99
CA SER A 119 15.05 4.52 1.57
C SER A 119 15.71 5.90 1.50
N LEU A 120 16.80 6.11 2.25
CA LEU A 120 17.43 7.42 2.28
C LEU A 120 18.46 7.53 1.15
N GLY A 121 18.86 6.38 0.60
CA GLY A 121 19.79 6.32 -0.51
C GLY A 121 21.04 5.50 -0.30
N LEU A 122 21.19 4.85 0.84
CA LEU A 122 22.36 4.04 1.10
C LEU A 122 22.28 2.61 0.50
N GLY A 123 23.41 2.15 -0.02
CA GLY A 123 23.55 0.80 -0.55
C GLY A 123 24.21 -0.02 0.56
N HIS A 124 24.69 -1.22 0.23
CA HIS A 124 25.27 -2.10 1.23
C HIS A 124 26.72 -1.77 1.62
N SER A 125 27.09 -2.14 2.85
CA SER A 125 28.45 -1.93 3.36
C SER A 125 29.19 -3.26 3.42
N SER A 126 30.52 -3.21 3.36
CA SER A 126 31.35 -4.43 3.49
C SER A 126 31.94 -4.51 4.89
N ASP A 127 31.65 -3.51 5.70
CA ASP A 127 32.11 -3.48 7.08
C ASP A 127 31.14 -4.31 7.95
N PRO A 128 31.59 -5.47 8.45
CA PRO A 128 30.69 -6.30 9.27
C PRO A 128 30.02 -5.59 10.46
N LYS A 129 30.56 -4.46 10.88
CA LYS A 129 29.97 -3.71 12.02
C LYS A 129 28.80 -2.78 11.67
N ALA A 130 28.63 -2.52 10.38
CA ALA A 130 27.64 -1.59 9.87
C ALA A 130 26.22 -2.14 9.83
N VAL A 131 25.24 -1.29 10.11
CA VAL A 131 23.85 -1.73 10.04
C VAL A 131 23.48 -2.03 8.58
N MET A 132 24.18 -1.39 7.64
CA MET A 132 23.99 -1.60 6.19
C MET A 132 24.71 -2.84 5.67
N PHE A 133 25.35 -3.60 6.56
CA PHE A 133 25.92 -4.90 6.16
C PHE A 133 24.71 -5.70 5.65
N PRO A 134 24.89 -6.51 4.60
CA PRO A 134 23.82 -7.26 3.98
C PRO A 134 23.14 -8.32 4.86
N THR A 135 23.78 -8.74 5.95
CA THR A 135 23.29 -9.83 6.78
C THR A 135 22.71 -9.43 8.13
N TYR A 136 21.46 -9.82 8.37
CA TYR A 136 20.82 -9.54 9.64
C TYR A 136 21.59 -10.12 10.80
N LYS A 137 21.65 -9.39 11.91
CA LYS A 137 22.22 -9.93 13.14
C LYS A 137 21.65 -9.15 14.32
N TYR A 138 21.18 -9.87 15.35
CA TYR A 138 20.61 -9.20 16.52
C TYR A 138 21.66 -8.52 17.37
N VAL A 139 21.31 -7.35 17.89
CA VAL A 139 22.10 -6.62 18.88
C VAL A 139 21.09 -5.94 19.81
N ASP A 140 21.41 -5.85 21.09
CA ASP A 140 20.49 -5.29 22.05
C ASP A 140 20.13 -3.89 21.59
N ILE A 141 18.83 -3.64 21.49
CA ILE A 141 18.35 -2.40 20.98
C ILE A 141 18.71 -1.19 21.86
N ASN A 142 19.10 -1.44 23.11
CA ASN A 142 19.53 -0.37 24.00
C ASN A 142 21.04 -0.09 23.81
N THR A 143 21.75 -1.08 23.27
CA THR A 143 23.18 -1.00 23.02
C THR A 143 23.49 -0.65 21.55
N PHE A 144 22.47 -0.62 20.69
CA PHE A 144 22.67 -0.38 19.27
C PHE A 144 23.14 1.03 18.92
N ARG A 145 24.14 1.09 18.04
CA ARG A 145 24.64 2.34 17.53
C ARG A 145 25.05 2.14 16.10
N LEU A 146 24.77 3.12 15.26
CA LEU A 146 25.23 3.09 13.89
C LEU A 146 26.73 2.92 13.96
N SER A 147 27.34 2.24 13.00
CA SER A 147 28.79 2.16 12.96
C SER A 147 29.35 3.45 12.31
N ALA A 148 30.67 3.66 12.38
CA ALA A 148 31.29 4.85 11.81
C ALA A 148 31.09 4.89 10.30
N ASP A 149 31.09 3.72 9.65
CA ASP A 149 30.83 3.64 8.20
C ASP A 149 29.39 4.08 7.81
N ASP A 150 28.41 3.76 8.66
CA ASP A 150 27.01 4.11 8.41
C ASP A 150 26.90 5.63 8.47
N ILE A 151 27.50 6.21 9.51
CA ILE A 151 27.44 7.65 9.72
C ILE A 151 28.11 8.42 8.59
N ARG A 152 29.31 8.02 8.17
CA ARG A 152 30.00 8.72 7.08
C ARG A 152 29.24 8.55 5.78
N GLY A 153 28.66 7.35 5.58
CA GLY A 153 27.87 7.10 4.38
C GLY A 153 26.66 8.03 4.34
N ILE A 154 25.94 8.13 5.46
CA ILE A 154 24.71 8.93 5.44
C ILE A 154 25.00 10.43 5.36
N GLN A 155 26.08 10.87 6.01
CA GLN A 155 26.45 12.29 6.00
C GLN A 155 27.01 12.76 4.64
N SER A 156 27.60 11.84 3.90
CA SER A 156 28.07 12.16 2.55
C SER A 156 26.89 12.51 1.66
N LEU A 157 25.73 11.97 1.99
CA LEU A 157 24.50 12.20 1.22
C LEU A 157 23.72 13.43 1.68
N TYR A 158 23.67 13.69 3.00
CA TYR A 158 22.82 14.75 3.57
C TYR A 158 23.54 15.75 4.45
N GLY A 159 24.83 15.53 4.69
CA GLY A 159 25.56 16.39 5.61
C GLY A 159 25.26 16.01 7.06
N ASP A 160 25.82 16.78 7.99
CA ASP A 160 25.62 16.51 9.41
C ASP A 160 24.54 17.41 10.00
N PRO A 161 24.15 17.17 11.25
CA PRO A 161 23.12 18.05 11.85
C PRO A 161 23.66 19.49 12.01
N LYS A 162 22.76 20.49 12.13
CA LYS A 162 23.21 21.88 12.21
C LYS A 162 23.49 22.41 13.61
N GLU A 163 24.10 23.60 13.65
CA GLU A 163 24.36 24.28 14.93
C GLU A 163 23.06 24.65 15.62
N MET B 1 4.13 -59.36 1.71
CA MET B 1 4.51 -57.96 2.05
C MET B 1 3.53 -56.96 1.44
N GLY B 2 3.26 -55.87 2.17
CA GLY B 2 2.39 -54.81 1.68
C GLY B 2 3.05 -54.08 0.51
N PRO B 3 2.43 -52.99 0.06
CA PRO B 3 2.90 -52.23 -1.11
C PRO B 3 4.28 -51.62 -0.96
N VAL B 4 5.01 -51.57 -2.08
CA VAL B 4 6.34 -50.94 -2.15
C VAL B 4 6.45 -50.07 -3.40
N TRP B 5 7.45 -49.19 -3.45
CA TRP B 5 7.67 -48.45 -4.68
C TRP B 5 8.36 -49.38 -5.68
N ARG B 6 7.79 -49.52 -6.85
CA ARG B 6 8.39 -50.38 -7.87
C ARG B 6 9.57 -49.70 -8.59
N LYS B 7 9.52 -48.39 -8.73
CA LYS B 7 10.65 -47.64 -9.28
C LYS B 7 11.54 -47.16 -8.13
N HIS B 8 12.84 -47.20 -8.33
CA HIS B 8 13.76 -46.72 -7.31
C HIS B 8 14.04 -45.20 -7.37
N TYR B 9 13.60 -44.53 -8.42
CA TYR B 9 13.86 -43.11 -8.53
C TYR B 9 12.57 -42.43 -8.19
N ILE B 10 12.54 -41.82 -7.00
CA ILE B 10 11.35 -41.25 -6.43
C ILE B 10 11.49 -39.76 -6.29
N THR B 11 10.41 -39.02 -6.52
CA THR B 11 10.44 -37.59 -6.38
C THR B 11 9.59 -37.12 -5.19
N TYR B 12 9.97 -35.99 -4.61
CA TYR B 12 9.08 -35.40 -3.59
C TYR B 12 8.88 -33.88 -3.81
N ARG B 13 7.84 -33.35 -3.20
CA ARG B 13 7.56 -31.93 -3.38
C ARG B 13 6.96 -31.44 -2.10
N ILE B 14 7.38 -30.24 -1.70
CA ILE B 14 6.85 -29.59 -0.52
C ILE B 14 5.67 -28.70 -0.94
N ASN B 15 4.48 -29.20 -0.66
CA ASN B 15 3.22 -28.55 -1.03
C ASN B 15 3.05 -27.18 -0.43
N ASN B 16 3.43 -27.05 0.84
CA ASN B 16 3.30 -25.78 1.54
C ASN B 16 4.24 -25.84 2.75
N TYR B 17 4.58 -24.67 3.30
CA TYR B 17 5.54 -24.54 4.40
C TYR B 17 4.87 -24.10 5.70
N THR B 18 5.22 -24.76 6.79
CA THR B 18 4.73 -24.34 8.09
C THR B 18 5.28 -22.94 8.37
N PRO B 19 4.48 -22.09 9.04
CA PRO B 19 5.02 -20.79 9.40
C PRO B 19 5.93 -20.84 10.63
N ASP B 20 6.10 -22.00 11.25
CA ASP B 20 6.92 -22.08 12.46
C ASP B 20 8.43 -22.05 12.20
N MET B 21 8.85 -22.29 10.96
CA MET B 21 10.28 -22.41 10.72
C MET B 21 10.65 -21.72 9.41
N ASN B 22 11.91 -21.32 9.30
CA ASN B 22 12.38 -20.71 8.06
C ASN B 22 12.19 -21.75 6.93
N ARG B 23 11.92 -21.27 5.71
CA ARG B 23 11.79 -22.22 4.61
C ARG B 23 13.05 -23.02 4.39
N GLU B 24 14.22 -22.39 4.51
CA GLU B 24 15.46 -23.16 4.27
C GLU B 24 15.68 -24.30 5.30
N ASP B 25 15.21 -24.12 6.52
CA ASP B 25 15.31 -25.14 7.56
C ASP B 25 14.30 -26.28 7.34
N VAL B 26 13.10 -25.95 6.86
CA VAL B 26 12.11 -26.97 6.56
C VAL B 26 12.70 -27.81 5.43
N ASP B 27 13.20 -27.14 4.40
CA ASP B 27 13.86 -27.84 3.29
C ASP B 27 14.99 -28.78 3.74
N TYR B 28 15.84 -28.31 4.67
CA TYR B 28 16.96 -29.12 5.14
C TYR B 28 16.50 -30.35 5.95
N ALA B 29 15.56 -30.13 6.87
CA ALA B 29 15.02 -31.22 7.70
C ALA B 29 14.44 -32.34 6.80
N ILE B 30 13.65 -31.97 5.80
CA ILE B 30 13.07 -32.94 4.88
C ILE B 30 14.15 -33.62 4.01
N ARG B 31 15.05 -32.83 3.43
CA ARG B 31 16.16 -33.41 2.64
C ARG B 31 16.92 -34.46 3.47
N LYS B 32 17.34 -34.09 4.68
CA LYS B 32 18.08 -35.05 5.55
C LYS B 32 17.27 -36.28 5.94
N ALA B 33 15.96 -36.12 6.17
CA ALA B 33 15.10 -37.25 6.51
C ALA B 33 15.09 -38.30 5.36
N PHE B 34 15.01 -37.85 4.12
CA PHE B 34 15.08 -38.77 2.99
C PHE B 34 16.47 -39.41 2.91
N GLN B 35 17.49 -38.63 3.23
CA GLN B 35 18.88 -39.10 3.16
C GLN B 35 19.07 -40.30 4.09
N VAL B 36 18.41 -40.22 5.25
CA VAL B 36 18.42 -41.33 6.20
C VAL B 36 17.98 -42.64 5.52
N TRP B 37 16.98 -42.55 4.65
CA TRP B 37 16.46 -43.74 4.00
C TRP B 37 17.24 -44.09 2.74
N SER B 38 17.71 -43.09 2.01
CA SER B 38 18.49 -43.38 0.82
C SER B 38 19.81 -44.08 1.19
N ASN B 39 20.31 -43.84 2.39
CA ASN B 39 21.56 -44.44 2.83
C ASN B 39 21.46 -45.92 3.11
N VAL B 40 20.25 -46.45 3.26
CA VAL B 40 20.07 -47.87 3.61
C VAL B 40 19.21 -48.59 2.56
N THR B 41 18.93 -47.89 1.44
CA THR B 41 18.17 -48.45 0.34
C THR B 41 18.82 -48.08 -1.00
N PRO B 42 18.36 -48.70 -2.10
CA PRO B 42 18.82 -48.32 -3.42
C PRO B 42 17.93 -47.21 -3.94
N LEU B 43 17.08 -46.66 -3.07
CA LEU B 43 16.14 -45.62 -3.49
C LEU B 43 16.80 -44.24 -3.64
N LYS B 44 16.32 -43.45 -4.60
CA LYS B 44 16.80 -42.08 -4.81
C LYS B 44 15.63 -41.10 -4.63
N PHE B 45 15.89 -40.01 -3.91
CA PHE B 45 14.87 -39.02 -3.63
C PHE B 45 15.25 -37.64 -4.14
N SER B 46 14.45 -37.10 -5.07
CA SER B 46 14.68 -35.82 -5.68
C SER B 46 13.56 -34.81 -5.43
N LYS B 47 13.96 -33.61 -5.00
CA LYS B 47 13.00 -32.54 -4.77
C LYS B 47 12.63 -31.86 -6.08
N ILE B 48 11.33 -31.73 -6.34
CA ILE B 48 10.83 -31.01 -7.50
C ILE B 48 9.85 -29.94 -7.03
N ASN B 49 9.74 -28.87 -7.82
CA ASN B 49 8.91 -27.72 -7.51
C ASN B 49 7.73 -27.53 -8.42
N THR B 50 7.71 -28.22 -9.56
CA THR B 50 6.57 -28.18 -10.46
C THR B 50 6.25 -29.62 -10.80
N GLY B 51 5.01 -29.87 -11.21
CA GLY B 51 4.59 -31.21 -11.62
C GLY B 51 4.11 -32.03 -10.44
N MET B 52 3.80 -33.29 -10.70
CA MET B 52 3.28 -34.21 -9.72
C MET B 52 4.42 -35.00 -9.14
N ALA B 53 4.56 -35.00 -7.83
CA ALA B 53 5.64 -35.75 -7.20
C ALA B 53 5.10 -37.05 -6.68
N ASP B 54 5.98 -38.02 -6.47
CA ASP B 54 5.50 -39.26 -5.88
C ASP B 54 5.06 -39.02 -4.43
N ILE B 55 5.89 -38.28 -3.69
CA ILE B 55 5.65 -37.97 -2.30
C ILE B 55 5.44 -36.50 -2.10
N LEU B 56 4.23 -36.11 -1.70
CA LEU B 56 3.90 -34.71 -1.40
C LEU B 56 3.98 -34.52 0.11
N VAL B 57 4.76 -33.52 0.53
CA VAL B 57 4.90 -33.17 1.93
C VAL B 57 3.95 -32.02 2.18
N VAL B 58 3.06 -32.20 3.16
CA VAL B 58 2.00 -31.24 3.43
C VAL B 58 1.89 -30.87 4.89
N PHE B 59 1.77 -29.58 5.16
CA PHE B 59 1.47 -29.13 6.53
C PHE B 59 -0.02 -28.74 6.54
N ALA B 60 -0.78 -29.32 7.48
CA ALA B 60 -2.21 -29.04 7.56
C ALA B 60 -2.68 -29.21 8.97
N ARG B 61 -3.83 -28.62 9.30
CA ARG B 61 -4.42 -28.77 10.61
C ARG B 61 -5.86 -29.33 10.52
N GLY B 62 -6.33 -29.94 11.61
CA GLY B 62 -7.68 -30.46 11.65
C GLY B 62 -8.05 -31.31 10.45
N ALA B 63 -9.27 -31.11 9.99
CA ALA B 63 -9.81 -31.89 8.90
C ALA B 63 -9.24 -31.34 7.61
N HIS B 64 -8.64 -32.19 6.79
CA HIS B 64 -8.06 -31.64 5.57
C HIS B 64 -8.25 -32.49 4.30
N GLY B 65 -9.33 -33.27 4.25
CA GLY B 65 -9.71 -33.93 3.00
C GLY B 65 -9.37 -35.39 2.81
N ASP B 66 -8.67 -36.01 3.77
CA ASP B 66 -8.27 -37.39 3.52
C ASP B 66 -8.87 -38.39 4.48
N PHE B 67 -9.89 -38.00 5.23
CA PHE B 67 -10.55 -38.91 6.20
C PHE B 67 -9.74 -39.16 7.49
N HIS B 68 -8.61 -38.47 7.62
CA HIS B 68 -7.74 -38.62 8.78
C HIS B 68 -7.44 -37.27 9.41
N ALA B 69 -8.48 -36.65 9.92
CA ALA B 69 -8.35 -35.34 10.48
C ALA B 69 -7.32 -35.30 11.63
N PHE B 70 -6.52 -34.24 11.66
CA PHE B 70 -5.59 -34.04 12.76
C PHE B 70 -6.38 -33.61 14.00
N ASP B 71 -5.71 -33.62 15.15
CA ASP B 71 -6.41 -33.47 16.44
C ASP B 71 -5.93 -32.28 17.31
N GLY B 72 -5.41 -31.20 16.72
CA GLY B 72 -4.92 -30.07 17.51
C GLY B 72 -3.54 -30.34 18.10
N LYS B 73 -3.10 -29.50 19.02
CA LYS B 73 -1.77 -29.67 19.54
C LYS B 73 -1.67 -30.96 20.36
N GLY B 74 -0.57 -31.69 20.21
CA GLY B 74 -0.39 -32.94 20.93
C GLY B 74 -1.06 -34.10 20.19
N GLY B 75 -1.22 -35.22 20.87
CA GLY B 75 -1.76 -36.38 20.19
C GLY B 75 -0.89 -36.75 19.01
N ILE B 76 -1.56 -37.05 17.90
CA ILE B 76 -0.94 -37.42 16.67
C ILE B 76 -0.25 -36.17 16.10
N LEU B 77 1.01 -36.32 15.73
CA LEU B 77 1.79 -35.22 15.23
C LEU B 77 1.75 -35.14 13.73
N ALA B 78 1.61 -36.30 13.09
CA ALA B 78 1.75 -36.38 11.65
C ALA B 78 1.25 -37.76 11.24
N HIS B 79 1.08 -37.98 9.94
CA HIS B 79 0.75 -39.31 9.42
C HIS B 79 1.20 -39.41 7.96
N ALA B 80 1.32 -40.64 7.45
CA ALA B 80 1.73 -40.82 6.07
C ALA B 80 1.08 -42.05 5.46
N PHE B 81 0.81 -41.98 4.16
CA PHE B 81 0.30 -43.12 3.39
C PHE B 81 1.40 -43.98 2.75
N GLY B 82 1.15 -45.29 2.65
CA GLY B 82 2.07 -46.26 2.06
C GLY B 82 2.29 -46.06 0.57
N PRO B 83 3.32 -46.72 -0.01
CA PRO B 83 3.64 -46.56 -1.43
C PRO B 83 2.43 -46.83 -2.38
N GLY B 84 2.21 -45.93 -3.32
CA GLY B 84 1.16 -46.07 -4.28
C GLY B 84 0.95 -44.76 -4.98
N SER B 85 -0.08 -44.70 -5.81
CA SER B 85 -0.39 -43.50 -6.58
C SER B 85 -1.32 -42.57 -5.82
N GLY B 86 -1.53 -41.37 -6.40
CA GLY B 86 -2.35 -40.34 -5.78
C GLY B 86 -1.76 -39.93 -4.44
N ILE B 87 -2.61 -39.89 -3.44
CA ILE B 87 -2.18 -39.59 -2.09
C ILE B 87 -1.17 -40.66 -1.52
N GLY B 88 -1.07 -41.83 -2.12
CA GLY B 88 -0.09 -42.83 -1.64
C GLY B 88 1.30 -42.20 -1.54
N GLY B 89 2.02 -42.51 -0.46
CA GLY B 89 3.34 -41.90 -0.23
C GLY B 89 3.33 -40.53 0.46
N ASP B 90 2.23 -39.80 0.38
CA ASP B 90 2.20 -38.44 0.90
C ASP B 90 2.40 -38.37 2.44
N ALA B 91 3.03 -37.31 2.91
CA ALA B 91 3.28 -37.23 4.34
C ALA B 91 2.72 -35.92 4.83
N HIS B 92 1.91 -36.02 5.87
CA HIS B 92 1.16 -34.89 6.37
C HIS B 92 1.63 -34.57 7.77
N PHE B 93 1.84 -33.29 8.05
CA PHE B 93 2.29 -32.87 9.36
C PHE B 93 1.27 -31.89 9.97
N ASP B 94 0.84 -32.19 11.19
CA ASP B 94 -0.17 -31.41 11.91
C ASP B 94 0.34 -30.00 12.22
N GLU B 95 -0.23 -29.00 11.57
CA GLU B 95 0.20 -27.62 11.76
C GLU B 95 -0.07 -27.14 13.18
N ASP B 96 -0.91 -27.85 13.94
CA ASP B 96 -1.13 -27.46 15.34
C ASP B 96 0.09 -27.76 16.22
N GLU B 97 1.04 -28.54 15.71
CA GLU B 97 2.26 -28.70 16.46
C GLU B 97 3.10 -27.47 16.15
N PHE B 98 4.13 -27.26 16.99
CA PHE B 98 5.10 -26.20 16.78
C PHE B 98 6.43 -26.84 16.29
N TRP B 99 6.62 -26.83 14.97
CA TRP B 99 7.80 -27.43 14.33
C TRP B 99 9.08 -26.65 14.59
N THR B 100 10.14 -27.38 14.93
CA THR B 100 11.42 -26.74 15.18
C THR B 100 12.57 -27.46 14.49
N THR B 101 13.62 -26.70 14.24
CA THR B 101 14.87 -27.20 13.71
C THR B 101 15.53 -28.00 14.85
N HIS B 102 15.53 -27.41 16.04
CA HIS B 102 16.15 -28.06 17.18
C HIS B 102 15.16 -28.67 18.17
N SER B 103 15.48 -28.59 19.46
CA SER B 103 14.72 -29.30 20.51
C SER B 103 13.49 -28.65 21.14
N GLY B 104 13.16 -27.39 20.84
CA GLY B 104 12.08 -26.67 21.53
C GLY B 104 10.60 -27.02 21.33
N GLY B 105 10.28 -27.68 20.23
CA GLY B 105 8.90 -28.07 19.98
C GLY B 105 8.99 -29.43 19.35
N THR B 106 8.21 -29.65 18.30
CA THR B 106 8.22 -30.93 17.63
C THR B 106 9.28 -30.94 16.51
N ASN B 107 10.39 -31.59 16.76
CA ASN B 107 11.48 -31.66 15.81
C ASN B 107 11.02 -32.20 14.47
N LEU B 108 11.11 -31.37 13.44
CA LEU B 108 10.68 -31.75 12.09
C LEU B 108 11.48 -32.92 11.50
N PHE B 109 12.79 -32.84 11.57
CA PHE B 109 13.65 -33.86 11.00
C PHE B 109 13.27 -35.30 11.43
N LEU B 110 13.18 -35.50 12.74
CA LEU B 110 12.90 -36.81 13.30
C LEU B 110 11.51 -37.29 12.95
N THR B 111 10.54 -36.39 13.03
CA THR B 111 9.18 -36.80 12.70
C THR B 111 9.15 -37.21 11.23
N ALA B 112 9.79 -36.41 10.36
CA ALA B 112 9.86 -36.71 8.92
C ALA B 112 10.50 -38.06 8.62
N VAL B 113 11.59 -38.39 9.33
CA VAL B 113 12.22 -39.69 9.16
C VAL B 113 11.15 -40.78 9.43
N HIS B 114 10.42 -40.64 10.53
CA HIS B 114 9.38 -41.58 10.87
C HIS B 114 8.30 -41.65 9.77
N GLU B 115 7.77 -40.49 9.37
CA GLU B 115 6.73 -40.46 8.33
C GLU B 115 7.20 -41.02 7.01
N ILE B 116 8.42 -40.66 6.61
CA ILE B 116 8.97 -41.20 5.35
C ILE B 116 9.06 -42.73 5.42
N GLY B 117 9.35 -43.25 6.61
CA GLY B 117 9.32 -44.71 6.85
C GLY B 117 7.97 -45.29 6.40
N HIS B 118 6.85 -44.65 6.77
CA HIS B 118 5.53 -45.09 6.33
C HIS B 118 5.37 -44.91 4.81
N SER B 119 5.78 -43.75 4.28
CA SER B 119 5.74 -43.50 2.86
C SER B 119 6.42 -44.57 2.02
N LEU B 120 7.43 -45.21 2.59
CA LEU B 120 8.21 -46.23 1.88
C LEU B 120 7.71 -47.64 2.12
N GLY B 121 6.69 -47.79 2.95
CA GLY B 121 6.12 -49.12 3.14
C GLY B 121 6.22 -49.76 4.51
N LEU B 122 6.79 -49.05 5.48
CA LEU B 122 6.99 -49.56 6.83
C LEU B 122 5.78 -49.42 7.80
N GLY B 123 5.59 -50.43 8.64
CA GLY B 123 4.61 -50.35 9.73
C GLY B 123 5.33 -49.89 11.01
N HIS B 124 4.67 -50.00 12.14
CA HIS B 124 5.31 -49.61 13.40
C HIS B 124 6.21 -50.71 13.97
N SER B 125 7.13 -50.30 14.85
CA SER B 125 8.04 -51.20 15.54
C SER B 125 7.67 -51.29 17.03
N SER B 126 8.09 -52.39 17.69
CA SER B 126 7.96 -52.59 19.14
C SER B 126 9.23 -52.17 19.86
N ASP B 127 10.26 -51.87 19.08
CA ASP B 127 11.54 -51.50 19.63
C ASP B 127 11.64 -49.98 19.89
N PRO B 128 11.73 -49.59 21.18
CA PRO B 128 11.78 -48.17 21.59
C PRO B 128 12.93 -47.41 20.95
N LYS B 129 13.92 -48.16 20.50
CA LYS B 129 15.15 -47.68 19.86
C LYS B 129 14.99 -47.34 18.36
N ALA B 130 14.00 -47.95 17.72
CA ALA B 130 13.75 -47.74 16.31
C ALA B 130 13.01 -46.42 16.08
N VAL B 131 13.32 -45.73 15.00
CA VAL B 131 12.59 -44.49 14.66
C VAL B 131 11.11 -44.81 14.31
N MET B 132 10.83 -46.05 13.91
CA MET B 132 9.45 -46.44 13.60
C MET B 132 8.62 -46.79 14.87
N PHE B 133 9.22 -46.72 16.07
CA PHE B 133 8.46 -46.89 17.30
C PHE B 133 7.43 -45.74 17.23
N PRO B 134 6.16 -46.03 17.58
CA PRO B 134 5.14 -45.01 17.35
C PRO B 134 4.98 -43.88 18.36
N THR B 135 6.07 -43.43 18.96
CA THR B 135 6.01 -42.30 19.89
C THR B 135 7.24 -41.42 19.65
N TYR B 136 7.12 -40.15 20.01
CA TYR B 136 8.18 -39.16 19.80
C TYR B 136 9.42 -39.34 20.68
N LYS B 137 10.57 -39.02 20.11
CA LYS B 137 11.82 -38.88 20.88
C LYS B 137 12.62 -37.71 20.30
N TYR B 138 13.46 -37.11 21.13
CA TYR B 138 14.34 -36.08 20.62
C TYR B 138 15.79 -36.50 20.80
N VAL B 139 16.57 -36.44 19.72
CA VAL B 139 18.03 -36.61 19.76
C VAL B 139 18.64 -35.59 18.80
N ASP B 140 19.90 -35.22 19.02
CA ASP B 140 20.53 -34.24 18.16
C ASP B 140 20.66 -34.85 16.74
N ILE B 141 20.33 -34.06 15.71
CA ILE B 141 20.42 -34.56 14.36
C ILE B 141 21.71 -35.34 14.04
N ASN B 142 22.88 -34.89 14.52
CA ASN B 142 24.17 -35.57 14.21
C ASN B 142 24.34 -36.95 14.87
N THR B 143 23.54 -37.21 15.91
CA THR B 143 23.66 -38.45 16.68
C THR B 143 22.59 -39.44 16.25
N PHE B 144 21.72 -39.01 15.35
CA PHE B 144 20.65 -39.91 14.93
C PHE B 144 21.11 -41.14 14.14
N ARG B 145 20.66 -42.30 14.59
CA ARG B 145 21.00 -43.53 13.88
C ARG B 145 19.76 -44.40 13.77
N LEU B 146 19.54 -45.00 12.60
CA LEU B 146 18.46 -45.98 12.50
C LEU B 146 18.87 -47.16 13.33
N SER B 147 17.90 -47.87 13.89
CA SER B 147 18.21 -49.04 14.64
C SER B 147 18.19 -50.25 13.70
N ALA B 148 18.80 -51.34 14.11
CA ALA B 148 18.75 -52.57 13.34
C ALA B 148 17.31 -52.88 12.91
N ASP B 149 16.35 -52.66 13.81
CA ASP B 149 14.96 -53.00 13.52
C ASP B 149 14.42 -52.18 12.33
N ASP B 150 14.78 -50.91 12.26
CA ASP B 150 14.45 -50.07 11.13
C ASP B 150 15.05 -50.53 9.80
N ILE B 151 16.34 -50.87 9.78
CA ILE B 151 17.02 -51.30 8.56
C ILE B 151 16.50 -52.68 8.13
N ARG B 152 16.17 -53.51 9.13
CA ARG B 152 15.63 -54.85 8.86
C ARG B 152 14.30 -54.76 8.12
N GLY B 153 13.38 -53.91 8.58
CA GLY B 153 12.11 -53.67 7.85
C GLY B 153 12.28 -53.02 6.45
N ILE B 154 13.14 -52.02 6.32
CA ILE B 154 13.30 -51.35 5.02
C ILE B 154 13.95 -52.34 4.05
N GLN B 155 14.93 -53.13 4.51
CA GLN B 155 15.56 -54.17 3.67
C GLN B 155 14.62 -55.34 3.25
N SER B 156 13.67 -55.72 4.09
CA SER B 156 12.75 -56.77 3.68
C SER B 156 11.96 -56.27 2.49
N LEU B 157 11.93 -54.95 2.35
CA LEU B 157 11.14 -54.29 1.32
C LEU B 157 11.90 -54.01 0.02
N TYR B 158 13.13 -53.48 0.14
CA TYR B 158 13.93 -53.06 -1.02
C TYR B 158 15.26 -53.79 -1.21
N GLY B 159 15.58 -54.71 -0.32
CA GLY B 159 16.75 -55.53 -0.50
C GLY B 159 18.08 -54.84 -0.24
N ASP B 160 19.12 -55.37 -0.87
CA ASP B 160 20.49 -54.90 -0.65
C ASP B 160 20.68 -53.49 -1.18
N PRO B 161 21.10 -52.56 -0.33
CA PRO B 161 21.33 -51.23 -0.90
C PRO B 161 22.47 -51.23 -1.92
N LYS B 162 23.41 -52.16 -1.88
CA LYS B 162 24.49 -52.13 -2.88
C LYS B 162 24.18 -52.81 -4.21
N GLU B 163 22.91 -53.06 -4.50
CA GLU B 163 22.56 -53.69 -5.78
C GLU B 163 21.41 -52.99 -6.49
N MET C 1 -21.51 35.80 14.47
CA MET C 1 -21.18 36.30 13.11
C MET C 1 -20.02 37.34 13.18
N GLY C 2 -18.94 37.02 12.50
CA GLY C 2 -17.74 37.81 12.54
C GLY C 2 -17.98 39.22 12.03
N PRO C 3 -17.00 40.08 12.22
CA PRO C 3 -17.10 41.46 11.75
C PRO C 3 -17.32 41.55 10.23
N VAL C 4 -18.00 42.60 9.77
CA VAL C 4 -18.16 42.82 8.34
C VAL C 4 -17.95 44.32 8.11
N TRP C 5 -17.63 44.71 6.87
CA TRP C 5 -17.58 46.11 6.52
C TRP C 5 -18.97 46.66 6.72
N ARG C 6 -19.08 47.86 7.29
CA ARG C 6 -20.41 48.40 7.62
C ARG C 6 -20.86 49.47 6.62
N LYS C 7 -20.30 49.39 5.42
CA LYS C 7 -20.61 50.26 4.30
C LYS C 7 -20.27 49.51 3.01
N HIS C 8 -20.72 50.00 1.86
CA HIS C 8 -20.49 49.28 0.63
C HIS C 8 -19.47 49.89 -0.32
N TYR C 9 -19.21 51.19 -0.17
CA TYR C 9 -18.16 51.85 -0.96
C TYR C 9 -16.86 51.74 -0.21
N ILE C 10 -15.91 51.00 -0.79
CA ILE C 10 -14.64 50.77 -0.14
C ILE C 10 -13.46 51.21 -0.98
N THR C 11 -12.56 51.93 -0.36
CA THR C 11 -11.37 52.43 -1.02
C THR C 11 -10.16 51.57 -0.66
N TYR C 12 -9.20 51.47 -1.59
CA TYR C 12 -7.96 50.78 -1.32
C TYR C 12 -6.83 51.62 -1.91
N ARG C 13 -5.63 51.39 -1.40
CA ARG C 13 -4.47 52.11 -1.80
C ARG C 13 -3.32 51.14 -1.83
N ILE C 14 -2.53 51.18 -2.90
CA ILE C 14 -1.35 50.35 -2.96
C ILE C 14 -0.19 51.09 -2.25
N ASN C 15 0.16 50.61 -1.06
CA ASN C 15 1.18 51.24 -0.24
C ASN C 15 2.50 51.34 -0.98
N ASN C 16 3.00 50.20 -1.47
CA ASN C 16 4.30 50.14 -2.15
C ASN C 16 4.26 49.05 -3.22
N TYR C 17 5.30 48.98 -4.04
CA TYR C 17 5.25 48.06 -5.16
C TYR C 17 6.37 47.06 -5.24
N THR C 18 6.03 45.83 -5.58
CA THR C 18 7.04 44.79 -5.72
C THR C 18 7.93 45.05 -6.95
N PRO C 19 9.24 44.77 -6.86
CA PRO C 19 10.05 44.96 -8.05
C PRO C 19 9.96 43.77 -9.01
N ASP C 20 9.21 42.71 -8.63
CA ASP C 20 9.06 41.51 -9.48
C ASP C 20 8.23 41.74 -10.75
N MET C 21 7.35 42.76 -10.71
CA MET C 21 6.40 43.06 -11.79
C MET C 21 6.37 44.56 -11.98
N ASN C 22 6.03 45.02 -13.18
CA ASN C 22 5.99 46.47 -13.38
C ASN C 22 4.78 47.09 -12.67
N ARG C 23 4.76 48.39 -12.49
CA ARG C 23 3.66 49.00 -11.73
C ARG C 23 2.29 48.67 -12.33
N GLU C 24 2.17 48.77 -13.64
CA GLU C 24 0.88 48.57 -14.27
C GLU C 24 0.32 47.16 -14.02
N ASP C 25 1.19 46.15 -14.08
CA ASP C 25 0.78 44.76 -13.85
C ASP C 25 0.33 44.48 -12.42
N VAL C 26 0.95 45.15 -11.45
CA VAL C 26 0.46 45.05 -10.09
C VAL C 26 -0.90 45.75 -9.97
N ASP C 27 -1.02 46.95 -10.51
CA ASP C 27 -2.26 47.67 -10.46
C ASP C 27 -3.38 46.79 -11.02
N TYR C 28 -3.12 46.17 -12.17
CA TYR C 28 -4.12 45.39 -12.87
C TYR C 28 -4.57 44.17 -12.08
N ALA C 29 -3.63 43.48 -11.45
CA ALA C 29 -3.94 42.29 -10.70
C ALA C 29 -4.73 42.63 -9.42
N ILE C 30 -4.41 43.72 -8.76
CA ILE C 30 -5.18 44.09 -7.56
C ILE C 30 -6.59 44.47 -8.02
N ARG C 31 -6.68 45.36 -9.01
CA ARG C 31 -7.97 45.73 -9.57
C ARG C 31 -8.85 44.51 -9.90
N LYS C 32 -8.31 43.57 -10.68
CA LYS C 32 -9.05 42.39 -11.08
C LYS C 32 -9.44 41.56 -9.86
N ALA C 33 -8.57 41.51 -8.87
CA ALA C 33 -8.85 40.73 -7.69
C ALA C 33 -10.08 41.31 -6.95
N PHE C 34 -10.15 42.64 -6.83
CA PHE C 34 -11.29 43.26 -6.18
C PHE C 34 -12.56 43.01 -6.98
N GLN C 35 -12.43 43.06 -8.31
CA GLN C 35 -13.55 42.90 -9.23
C GLN C 35 -14.24 41.55 -9.06
N VAL C 36 -13.48 40.54 -8.70
CA VAL C 36 -14.01 39.20 -8.55
C VAL C 36 -15.10 39.18 -7.47
N TRP C 37 -14.86 39.94 -6.39
CA TRP C 37 -15.74 40.03 -5.25
C TRP C 37 -16.84 41.07 -5.41
N SER C 38 -16.57 42.16 -6.14
CA SER C 38 -17.63 43.14 -6.36
C SER C 38 -18.66 42.62 -7.40
N ASN C 39 -18.24 41.74 -8.31
CA ASN C 39 -19.15 41.11 -9.27
C ASN C 39 -20.29 40.33 -8.58
N VAL C 40 -20.01 39.72 -7.43
CA VAL C 40 -21.01 38.91 -6.74
C VAL C 40 -21.60 39.49 -5.43
N THR C 41 -21.40 40.78 -5.18
CA THR C 41 -21.90 41.45 -3.97
C THR C 41 -22.23 42.90 -4.29
N PRO C 42 -22.80 43.65 -3.32
CA PRO C 42 -23.08 45.06 -3.56
C PRO C 42 -21.88 45.93 -3.24
N LEU C 43 -20.74 45.32 -2.92
CA LEU C 43 -19.54 46.09 -2.56
C LEU C 43 -18.90 46.72 -3.79
N LYS C 44 -18.39 47.94 -3.63
CA LYS C 44 -17.71 48.67 -4.72
C LYS C 44 -16.34 49.05 -4.20
N PHE C 45 -15.31 48.89 -5.04
CA PHE C 45 -13.94 49.22 -4.63
C PHE C 45 -13.34 50.29 -5.53
N SER C 46 -12.79 51.33 -4.94
CA SER C 46 -12.18 52.38 -5.74
C SER C 46 -10.76 52.64 -5.27
N LYS C 47 -9.85 52.76 -6.22
CA LYS C 47 -8.44 52.94 -5.92
C LYS C 47 -8.13 54.42 -5.66
N ILE C 48 -7.52 54.73 -4.52
CA ILE C 48 -7.08 56.10 -4.23
C ILE C 48 -5.55 56.19 -4.07
N ASN C 49 -4.99 57.38 -4.33
CA ASN C 49 -3.54 57.61 -4.25
C ASN C 49 -3.09 58.51 -3.10
N THR C 50 -4.02 59.17 -2.43
CA THR C 50 -3.67 60.00 -1.28
C THR C 50 -4.76 59.83 -0.24
N GLY C 51 -4.47 60.23 0.99
CA GLY C 51 -5.43 60.15 2.05
C GLY C 51 -5.43 58.75 2.61
N MET C 52 -6.30 58.52 3.60
CA MET C 52 -6.38 57.23 4.23
C MET C 52 -7.33 56.31 3.48
N ALA C 53 -6.84 55.12 3.16
CA ALA C 53 -7.67 54.16 2.46
C ALA C 53 -8.28 53.17 3.44
N ASP C 54 -9.49 52.72 3.14
CA ASP C 54 -10.09 51.65 3.92
C ASP C 54 -9.19 50.40 3.94
N ILE C 55 -8.66 50.04 2.76
CA ILE C 55 -7.83 48.84 2.64
C ILE C 55 -6.47 49.22 2.06
N LEU C 56 -5.42 48.83 2.75
CA LEU C 56 -4.07 49.12 2.33
C LEU C 56 -3.41 47.83 1.88
N VAL C 57 -2.98 47.81 0.62
CA VAL C 57 -2.29 46.67 0.06
C VAL C 57 -0.80 46.94 0.21
N VAL C 58 -0.07 46.01 0.78
CA VAL C 58 1.33 46.22 1.07
C VAL C 58 2.18 45.04 0.63
N PHE C 59 3.37 45.31 0.12
CA PHE C 59 4.36 44.26 -0.15
C PHE C 59 5.39 44.44 0.96
N ALA C 60 5.65 43.41 1.73
CA ALA C 60 6.56 43.52 2.87
C ALA C 60 7.27 42.20 3.05
N ARG C 61 8.47 42.26 3.62
CA ARG C 61 9.24 41.06 3.93
C ARG C 61 9.60 41.15 5.40
N GLY C 62 9.96 40.02 6.01
CA GLY C 62 10.28 39.98 7.45
C GLY C 62 9.33 40.75 8.36
N ALA C 63 9.88 41.26 9.47
CA ALA C 63 9.09 42.05 10.43
C ALA C 63 8.75 43.39 9.80
N HIS C 64 7.48 43.76 9.88
CA HIS C 64 7.01 45.00 9.28
C HIS C 64 5.91 45.70 10.07
N GLY C 65 5.87 45.51 11.38
CA GLY C 65 4.96 46.31 12.24
C GLY C 65 3.60 45.80 12.68
N ASP C 66 3.31 44.54 12.43
CA ASP C 66 1.99 44.04 12.79
C ASP C 66 2.10 42.75 13.56
N PHE C 67 1.05 41.93 13.55
CA PHE C 67 1.10 40.71 14.37
C PHE C 67 2.18 39.68 13.99
N HIS C 68 2.53 39.54 12.71
CA HIS C 68 3.45 38.45 12.38
C HIS C 68 4.36 38.71 11.20
N ALA C 69 5.65 38.64 11.49
CA ALA C 69 6.63 38.82 10.47
C ALA C 69 6.41 37.78 9.40
N PHE C 70 6.80 38.11 8.18
CA PHE C 70 6.78 37.14 7.12
C PHE C 70 8.00 36.23 7.29
N ASP C 71 7.96 35.09 6.61
CA ASP C 71 8.93 34.02 6.83
C ASP C 71 9.91 33.72 5.71
N GLY C 72 10.11 34.63 4.76
CA GLY C 72 11.03 34.33 3.66
C GLY C 72 10.32 33.52 2.59
N LYS C 73 11.04 33.11 1.55
CA LYS C 73 10.42 32.37 0.45
C LYS C 73 9.71 31.09 0.89
N GLY C 74 8.51 30.87 0.36
CA GLY C 74 7.66 29.72 0.71
C GLY C 74 6.88 30.02 1.97
N GLY C 75 6.37 28.96 2.62
CA GLY C 75 5.61 29.12 3.86
C GLY C 75 4.44 30.05 3.65
N ILE C 76 4.28 31.05 4.50
CA ILE C 76 3.18 32.00 4.33
C ILE C 76 3.48 32.93 3.16
N LEU C 77 2.55 33.04 2.20
CA LEU C 77 2.78 33.89 1.04
C LEU C 77 2.23 35.30 1.23
N ALA C 78 1.28 35.44 2.14
CA ALA C 78 0.58 36.70 2.33
C ALA C 78 -0.36 36.50 3.50
N HIS C 79 -0.83 37.60 4.07
CA HIS C 79 -1.87 37.53 5.11
C HIS C 79 -2.70 38.79 5.02
N ALA C 80 -3.85 38.79 5.66
CA ALA C 80 -4.75 39.92 5.59
C ALA C 80 -5.58 39.96 6.87
N PHE C 81 -6.20 41.11 7.14
CA PHE C 81 -6.98 41.29 8.36
C PHE C 81 -8.44 41.56 8.00
N GLY C 82 -9.36 40.96 8.74
CA GLY C 82 -10.75 41.18 8.51
C GLY C 82 -11.15 42.56 8.95
N PRO C 83 -12.40 42.97 8.65
CA PRO C 83 -13.00 44.26 8.97
C PRO C 83 -12.77 44.68 10.42
N GLY C 84 -12.50 45.96 10.62
CA GLY C 84 -12.19 46.45 11.96
C GLY C 84 -11.32 47.69 12.00
N SER C 85 -11.03 48.19 13.20
CA SER C 85 -10.27 49.42 13.35
C SER C 85 -8.82 49.32 12.86
N GLY C 86 -8.27 50.47 12.48
CA GLY C 86 -6.88 50.61 12.02
C GLY C 86 -6.46 49.72 10.87
N ILE C 87 -5.66 48.71 11.19
CA ILE C 87 -5.11 47.77 10.24
C ILE C 87 -6.20 46.86 9.63
N GLY C 88 -7.38 46.81 10.24
CA GLY C 88 -8.46 45.95 9.77
C GLY C 88 -8.76 46.16 8.31
N GLY C 89 -8.77 45.07 7.53
CA GLY C 89 -9.01 45.14 6.09
C GLY C 89 -7.75 45.04 5.26
N ASP C 90 -6.61 45.38 5.86
CA ASP C 90 -5.35 45.42 5.10
C ASP C 90 -4.90 44.08 4.61
N ALA C 91 -4.25 44.07 3.45
CA ALA C 91 -3.71 42.85 2.88
C ALA C 91 -2.21 43.00 2.64
N HIS C 92 -1.42 42.07 3.16
CA HIS C 92 0.02 42.13 3.00
C HIS C 92 0.52 40.92 2.25
N PHE C 93 1.41 41.14 1.29
CA PHE C 93 2.02 40.12 0.45
C PHE C 93 3.54 40.00 0.74
N ASP C 94 4.02 38.76 0.82
CA ASP C 94 5.39 38.48 1.18
C ASP C 94 6.34 38.76 0.02
N GLU C 95 7.16 39.77 0.21
CA GLU C 95 8.04 40.22 -0.86
C GLU C 95 9.17 39.21 -1.11
N ASP C 96 9.37 38.32 -0.15
CA ASP C 96 10.28 37.22 -0.39
C ASP C 96 9.71 36.20 -1.38
N GLU C 97 8.44 36.29 -1.74
CA GLU C 97 7.97 35.42 -2.84
C GLU C 97 8.29 36.13 -4.17
N PHE C 98 8.16 35.39 -5.26
CA PHE C 98 8.38 35.94 -6.58
C PHE C 98 7.02 36.10 -7.26
N TRP C 99 6.52 37.32 -7.29
CA TRP C 99 5.20 37.62 -7.83
C TRP C 99 5.16 37.65 -9.36
N THR C 100 4.22 36.92 -9.94
CA THR C 100 4.11 36.83 -11.38
C THR C 100 2.73 37.13 -11.94
N THR C 101 2.71 37.57 -13.21
CA THR C 101 1.47 37.85 -13.93
C THR C 101 0.76 36.56 -14.28
N HIS C 102 1.55 35.50 -14.41
CA HIS C 102 1.04 34.22 -14.76
C HIS C 102 1.65 33.19 -13.82
N SER C 103 2.05 32.03 -14.32
CA SER C 103 2.53 30.97 -13.43
C SER C 103 4.05 30.88 -13.25
N GLY C 104 4.77 31.94 -13.57
CA GLY C 104 6.21 31.88 -13.34
C GLY C 104 6.56 31.53 -11.89
N GLY C 105 5.89 32.15 -10.93
CA GLY C 105 6.18 31.93 -9.51
C GLY C 105 4.90 31.92 -8.71
N THR C 106 4.70 32.93 -7.87
CA THR C 106 3.44 33.02 -7.14
C THR C 106 2.51 34.00 -7.85
N ASN C 107 1.44 33.52 -8.48
CA ASN C 107 0.53 34.46 -9.15
C ASN C 107 -0.05 35.50 -8.17
N LEU C 108 0.12 36.78 -8.49
CA LEU C 108 -0.33 37.87 -7.63
C LEU C 108 -1.86 37.99 -7.59
N PHE C 109 -2.51 37.92 -8.76
CA PHE C 109 -3.96 38.01 -8.89
C PHE C 109 -4.68 36.97 -8.01
N LEU C 110 -4.34 35.70 -8.19
CA LEU C 110 -4.97 34.63 -7.44
C LEU C 110 -4.77 34.80 -5.93
N THR C 111 -3.53 35.11 -5.52
CA THR C 111 -3.24 35.32 -4.11
C THR C 111 -4.06 36.51 -3.58
N ALA C 112 -4.09 37.60 -4.34
CA ALA C 112 -4.90 38.76 -3.91
C ALA C 112 -6.43 38.46 -3.81
N VAL C 113 -6.97 37.58 -4.67
CA VAL C 113 -8.38 37.21 -4.52
C VAL C 113 -8.57 36.52 -3.14
N HIS C 114 -7.68 35.59 -2.84
CA HIS C 114 -7.72 34.89 -1.57
C HIS C 114 -7.60 35.87 -0.40
N GLU C 115 -6.63 36.77 -0.43
CA GLU C 115 -6.41 37.69 0.69
C GLU C 115 -7.55 38.69 0.87
N ILE C 116 -8.09 39.22 -0.23
CA ILE C 116 -9.24 40.11 -0.17
C ILE C 116 -10.46 39.36 0.42
N GLY C 117 -10.56 38.07 0.15
CA GLY C 117 -11.58 37.27 0.80
C GLY C 117 -11.43 37.48 2.30
N HIS C 118 -10.20 37.39 2.83
CA HIS C 118 -10.02 37.59 4.28
C HIS C 118 -10.33 39.03 4.73
N SER C 119 -9.97 40.01 3.91
CA SER C 119 -10.20 41.42 4.21
C SER C 119 -11.69 41.70 4.32
N LEU C 120 -12.50 40.91 3.60
CA LEU C 120 -13.95 41.13 3.58
C LEU C 120 -14.62 40.35 4.72
N GLY C 121 -13.84 39.51 5.41
CA GLY C 121 -14.33 38.81 6.57
C GLY C 121 -14.51 37.31 6.44
N LEU C 122 -13.94 36.72 5.40
CA LEU C 122 -14.07 35.29 5.16
C LEU C 122 -12.94 34.52 5.79
N GLY C 123 -13.21 33.31 6.27
CA GLY C 123 -12.14 32.46 6.78
C GLY C 123 -11.89 31.40 5.71
N HIS C 124 -11.29 30.29 6.11
CA HIS C 124 -10.99 29.22 5.15
C HIS C 124 -12.14 28.25 4.81
N SER C 125 -12.09 27.73 3.58
CA SER C 125 -13.07 26.77 3.10
C SER C 125 -12.41 25.41 3.02
N SER C 126 -13.20 24.37 3.24
CA SER C 126 -12.73 22.99 3.16
C SER C 126 -13.07 22.40 1.79
N ASP C 127 -13.59 23.23 0.91
CA ASP C 127 -13.92 22.81 -0.45
C ASP C 127 -12.69 23.09 -1.33
N PRO C 128 -12.09 22.04 -1.92
CA PRO C 128 -10.87 22.20 -2.72
C PRO C 128 -11.01 23.07 -3.97
N LYS C 129 -12.23 23.36 -4.40
CA LYS C 129 -12.38 24.23 -5.59
C LYS C 129 -12.51 25.68 -5.18
N ALA C 130 -12.58 25.95 -3.88
CA ALA C 130 -12.79 27.32 -3.41
C ALA C 130 -11.49 28.12 -3.38
N VAL C 131 -11.55 29.38 -3.75
CA VAL C 131 -10.34 30.20 -3.73
C VAL C 131 -9.89 30.40 -2.28
N MET C 132 -10.84 30.24 -1.34
CA MET C 132 -10.58 30.41 0.09
C MET C 132 -10.07 29.14 0.72
N PHE C 133 -9.85 28.12 -0.09
CA PHE C 133 -9.23 26.89 0.41
C PHE C 133 -7.81 27.34 0.84
N PRO C 134 -7.23 26.72 1.88
CA PRO C 134 -5.95 27.19 2.46
C PRO C 134 -4.67 27.07 1.63
N THR C 135 -4.67 26.29 0.55
CA THR C 135 -3.42 26.11 -0.17
C THR C 135 -3.37 26.65 -1.62
N TYR C 136 -2.32 27.42 -1.91
CA TYR C 136 -2.13 27.99 -3.24
C TYR C 136 -2.07 26.93 -4.31
N LYS C 137 -2.64 27.25 -5.46
CA LYS C 137 -2.72 26.38 -6.63
C LYS C 137 -2.92 27.33 -7.80
N TYR C 138 -2.20 27.13 -8.89
CA TYR C 138 -2.35 28.01 -10.02
C TYR C 138 -3.50 27.60 -10.93
N VAL C 139 -4.27 28.57 -11.42
CA VAL C 139 -5.28 28.29 -12.45
C VAL C 139 -5.18 29.42 -13.44
N ASP C 140 -5.30 29.09 -14.72
CA ASP C 140 -5.25 30.09 -15.76
C ASP C 140 -6.14 31.25 -15.37
N ILE C 141 -5.62 32.47 -15.46
CA ILE C 141 -6.37 33.64 -15.03
C ILE C 141 -7.50 34.06 -15.98
N ASN C 142 -7.43 33.60 -17.24
CA ASN C 142 -8.48 33.89 -18.20
C ASN C 142 -9.67 32.98 -17.92
N THR C 143 -9.40 31.91 -17.18
CA THR C 143 -10.35 30.84 -16.87
C THR C 143 -10.84 30.85 -15.39
N PHE C 144 -10.19 31.65 -14.55
CA PHE C 144 -10.56 31.71 -13.14
C PHE C 144 -12.03 32.06 -12.90
N ARG C 145 -12.65 31.35 -11.97
CA ARG C 145 -14.00 31.68 -11.52
C ARG C 145 -14.15 31.31 -10.03
N LEU C 146 -14.82 32.17 -9.27
CA LEU C 146 -15.07 31.85 -7.87
C LEU C 146 -15.88 30.55 -7.83
N SER C 147 -15.66 29.71 -6.84
CA SER C 147 -16.50 28.53 -6.74
C SER C 147 -17.86 28.90 -6.15
N ALA C 148 -18.82 28.02 -6.30
CA ALA C 148 -20.16 28.25 -5.75
C ALA C 148 -20.06 28.50 -4.24
N ASP C 149 -19.10 27.84 -3.60
CA ASP C 149 -18.87 27.94 -2.15
C ASP C 149 -18.43 29.36 -1.75
N ASP C 150 -17.45 29.90 -2.49
CA ASP C 150 -16.97 31.26 -2.27
C ASP C 150 -18.10 32.24 -2.38
N ILE C 151 -18.88 32.09 -3.44
CA ILE C 151 -19.99 32.98 -3.66
C ILE C 151 -21.01 32.89 -2.55
N ARG C 152 -21.34 31.68 -2.11
CA ARG C 152 -22.34 31.57 -1.06
C ARG C 152 -21.85 32.18 0.26
N GLY C 153 -20.54 32.02 0.52
CA GLY C 153 -19.88 32.50 1.71
C GLY C 153 -19.87 34.01 1.78
N ILE C 154 -19.42 34.67 0.71
CA ILE C 154 -19.40 36.16 0.68
C ILE C 154 -20.81 36.77 0.61
N GLN C 155 -21.73 36.13 -0.09
CA GLN C 155 -23.11 36.65 -0.15
C GLN C 155 -23.80 36.48 1.20
N SER C 156 -23.35 35.51 1.98
CA SER C 156 -23.84 35.30 3.32
C SER C 156 -23.43 36.44 4.23
N LEU C 157 -22.37 37.18 3.86
CA LEU C 157 -21.95 38.30 4.69
C LEU C 157 -22.54 39.61 4.19
N TYR C 158 -22.64 39.77 2.86
CA TYR C 158 -23.06 41.06 2.28
C TYR C 158 -24.25 41.01 1.34
N GLY C 159 -24.85 39.85 1.14
CA GLY C 159 -25.95 39.81 0.17
C GLY C 159 -25.42 39.83 -1.27
N ASP C 160 -26.36 39.71 -2.22
CA ASP C 160 -26.03 39.71 -3.63
C ASP C 160 -26.07 41.12 -4.20
N PRO C 161 -25.65 41.33 -5.47
CA PRO C 161 -25.63 42.69 -6.01
C PRO C 161 -27.03 43.31 -6.03
N LYS C 162 -27.10 44.61 -5.77
CA LYS C 162 -28.34 45.40 -5.76
C LYS C 162 -29.02 45.42 -7.13
N GLU C 163 -30.31 45.74 -7.15
CA GLU C 163 -31.08 45.82 -8.40
C GLU C 163 -30.71 46.97 -9.33
N GLY D 2 0.04 -8.88 -8.54
CA GLY D 2 -0.34 -7.51 -8.04
C GLY D 2 -0.93 -7.53 -6.64
N PRO D 3 -1.22 -6.35 -6.08
CA PRO D 3 -1.80 -6.28 -4.74
C PRO D 3 -3.27 -6.75 -4.72
N VAL D 4 -3.71 -7.30 -3.60
CA VAL D 4 -5.06 -7.80 -3.52
C VAL D 4 -5.73 -7.27 -2.26
N TRP D 5 -7.02 -7.55 -2.11
CA TRP D 5 -7.72 -7.21 -0.90
C TRP D 5 -7.36 -8.27 0.12
N ARG D 6 -7.08 -7.86 1.36
CA ARG D 6 -6.78 -8.80 2.44
C ARG D 6 -8.06 -9.58 2.82
N LYS D 7 -9.22 -8.96 2.69
CA LYS D 7 -10.46 -9.64 3.05
C LYS D 7 -11.35 -10.09 1.86
N HIS D 8 -12.20 -11.08 2.12
CA HIS D 8 -13.17 -11.56 1.13
C HIS D 8 -14.52 -10.81 1.15
N TYR D 9 -14.79 -10.05 2.22
CA TYR D 9 -16.03 -9.29 2.38
C TYR D 9 -15.75 -7.83 2.03
N ILE D 10 -16.16 -7.44 0.83
CA ILE D 10 -15.86 -6.13 0.30
C ILE D 10 -17.12 -5.31 0.10
N THR D 11 -17.05 -4.04 0.52
CA THR D 11 -18.16 -3.12 0.41
C THR D 11 -17.97 -2.15 -0.77
N TYR D 12 -19.09 -1.74 -1.37
CA TYR D 12 -19.03 -0.66 -2.36
C TYR D 12 -20.10 0.38 -2.10
N ARG D 13 -19.85 1.57 -2.64
CA ARG D 13 -20.78 2.67 -2.51
C ARG D 13 -20.90 3.37 -3.85
N ILE D 14 -22.10 3.85 -4.16
CA ILE D 14 -22.25 4.55 -5.40
C ILE D 14 -22.24 6.05 -5.09
N ASN D 15 -21.13 6.69 -5.45
CA ASN D 15 -20.87 8.09 -5.11
C ASN D 15 -21.92 9.03 -5.64
N ASN D 16 -22.28 8.84 -6.90
CA ASN D 16 -23.24 9.69 -7.58
C ASN D 16 -23.76 8.89 -8.77
N TYR D 17 -24.94 9.25 -9.28
CA TYR D 17 -25.54 8.48 -10.37
C TYR D 17 -25.52 9.19 -11.70
N THR D 18 -25.16 8.48 -12.76
CA THR D 18 -25.23 9.10 -14.07
C THR D 18 -26.69 9.46 -14.38
N PRO D 19 -26.91 10.66 -14.91
CA PRO D 19 -28.28 10.92 -15.36
C PRO D 19 -28.62 10.13 -16.64
N ASP D 20 -27.69 9.39 -17.21
CA ASP D 20 -28.05 8.64 -18.39
C ASP D 20 -29.04 7.52 -18.13
N MET D 21 -29.09 6.99 -16.90
CA MET D 21 -29.96 5.86 -16.59
C MET D 21 -30.70 6.14 -15.30
N ASN D 22 -31.80 5.45 -15.04
CA ASN D 22 -32.43 5.72 -13.74
C ASN D 22 -31.69 4.99 -12.62
N ARG D 23 -31.85 5.48 -11.38
CA ARG D 23 -31.08 4.92 -10.26
C ARG D 23 -31.19 3.40 -10.10
N GLU D 24 -32.39 2.87 -10.25
CA GLU D 24 -32.59 1.44 -10.15
C GLU D 24 -31.79 0.68 -11.22
N ASP D 25 -31.66 1.28 -12.41
CA ASP D 25 -30.93 0.60 -13.48
C ASP D 25 -29.42 0.61 -13.24
N VAL D 26 -28.92 1.72 -12.70
CA VAL D 26 -27.51 1.79 -12.33
C VAL D 26 -27.24 0.79 -11.23
N ASP D 27 -28.08 0.78 -10.20
CA ASP D 27 -27.92 -0.16 -9.09
C ASP D 27 -27.84 -1.60 -9.59
N TYR D 28 -28.76 -1.96 -10.46
CA TYR D 28 -28.82 -3.32 -10.99
C TYR D 28 -27.58 -3.68 -11.81
N ALA D 29 -27.17 -2.79 -12.72
CA ALA D 29 -25.98 -3.08 -13.52
C ALA D 29 -24.71 -3.24 -12.64
N ILE D 30 -24.55 -2.38 -11.64
CA ILE D 30 -23.40 -2.48 -10.75
C ILE D 30 -23.45 -3.77 -9.93
N ARG D 31 -24.61 -4.07 -9.34
CA ARG D 31 -24.79 -5.34 -8.63
C ARG D 31 -24.47 -6.57 -9.50
N LYS D 32 -24.97 -6.60 -10.75
CA LYS D 32 -24.73 -7.76 -11.58
C LYS D 32 -23.23 -7.87 -11.97
N ALA D 33 -22.58 -6.72 -12.18
CA ALA D 33 -21.16 -6.70 -12.55
C ALA D 33 -20.29 -7.29 -11.44
N PHE D 34 -20.56 -6.93 -10.19
CA PHE D 34 -19.89 -7.56 -9.05
C PHE D 34 -20.23 -9.06 -8.97
N GLN D 35 -21.48 -9.41 -9.27
CA GLN D 35 -21.93 -10.79 -9.18
C GLN D 35 -21.17 -11.69 -10.15
N VAL D 36 -20.73 -11.11 -11.26
CA VAL D 36 -19.93 -11.86 -12.22
C VAL D 36 -18.71 -12.45 -11.50
N TRP D 37 -18.05 -11.63 -10.69
CA TRP D 37 -16.81 -12.04 -10.01
C TRP D 37 -17.03 -12.89 -8.74
N SER D 38 -18.07 -12.57 -7.98
CA SER D 38 -18.39 -13.35 -6.80
C SER D 38 -18.81 -14.75 -7.24
N ASN D 39 -19.35 -14.87 -8.46
CA ASN D 39 -19.70 -16.18 -9.00
C ASN D 39 -18.53 -17.15 -9.07
N VAL D 40 -17.30 -16.65 -9.18
CA VAL D 40 -16.16 -17.55 -9.39
C VAL D 40 -15.01 -17.34 -8.40
N THR D 41 -15.36 -16.78 -7.25
CA THR D 41 -14.43 -16.56 -6.18
C THR D 41 -15.18 -16.64 -4.84
N PRO D 42 -14.44 -16.56 -3.71
CA PRO D 42 -15.06 -16.56 -2.40
C PRO D 42 -15.31 -15.12 -1.96
N LEU D 43 -15.36 -14.21 -2.92
CA LEU D 43 -15.55 -12.78 -2.62
C LEU D 43 -17.04 -12.44 -2.38
N LYS D 44 -17.29 -11.49 -1.50
CA LYS D 44 -18.66 -11.06 -1.25
C LYS D 44 -18.70 -9.55 -1.41
N PHE D 45 -19.73 -9.07 -2.11
CA PHE D 45 -19.85 -7.64 -2.43
C PHE D 45 -21.13 -7.00 -1.92
N SER D 46 -21.00 -5.98 -1.07
CA SER D 46 -22.17 -5.37 -0.48
C SER D 46 -22.28 -3.89 -0.71
N LYS D 47 -23.47 -3.47 -1.15
CA LYS D 47 -23.76 -2.07 -1.36
C LYS D 47 -24.02 -1.39 0.00
N ILE D 48 -23.33 -0.29 0.29
CA ILE D 48 -23.55 0.46 1.52
C ILE D 48 -23.89 1.90 1.13
N ASN D 49 -24.58 2.62 2.00
CA ASN D 49 -24.97 4.01 1.66
C ASN D 49 -24.33 5.12 2.48
N THR D 50 -23.66 4.77 3.56
CA THR D 50 -22.91 5.76 4.34
C THR D 50 -21.61 5.10 4.75
N GLY D 51 -20.66 5.91 5.19
CA GLY D 51 -19.36 5.38 5.60
C GLY D 51 -18.44 5.20 4.41
N MET D 52 -17.22 4.77 4.68
CA MET D 52 -16.24 4.56 3.62
C MET D 52 -16.34 3.14 3.07
N ALA D 53 -16.49 3.03 1.76
CA ALA D 53 -16.56 1.72 1.16
C ALA D 53 -15.17 1.37 0.68
N ASP D 54 -14.90 0.09 0.49
CA ASP D 54 -13.64 -0.30 -0.10
C ASP D 54 -13.56 0.22 -1.55
N ILE D 55 -14.69 0.10 -2.27
CA ILE D 55 -14.78 0.51 -3.67
C ILE D 55 -15.83 1.63 -3.88
N LEU D 56 -15.39 2.79 -4.36
CA LEU D 56 -16.33 3.86 -4.64
C LEU D 56 -16.55 3.94 -6.15
N VAL D 57 -17.82 3.99 -6.56
CA VAL D 57 -18.19 4.06 -7.96
C VAL D 57 -18.53 5.50 -8.23
N VAL D 58 -17.94 6.09 -9.28
CA VAL D 58 -18.12 7.52 -9.53
C VAL D 58 -18.34 7.83 -10.99
N PHE D 59 -19.27 8.72 -11.29
CA PHE D 59 -19.47 9.20 -12.66
C PHE D 59 -18.89 10.61 -12.71
N ALA D 60 -17.94 10.86 -13.60
CA ALA D 60 -17.34 12.19 -13.69
C ALA D 60 -16.84 12.41 -15.10
N ARG D 61 -16.76 13.67 -15.53
CA ARG D 61 -16.21 13.99 -16.84
C ARG D 61 -14.89 14.79 -16.71
N GLY D 62 -14.07 14.83 -17.76
CA GLY D 62 -12.83 15.60 -17.73
C GLY D 62 -11.91 15.38 -16.53
N ALA D 63 -11.42 16.49 -15.98
CA ALA D 63 -10.48 16.45 -14.88
C ALA D 63 -11.27 16.31 -13.59
N HIS D 64 -11.01 15.24 -12.83
CA HIS D 64 -11.81 15.00 -11.64
C HIS D 64 -10.97 14.66 -10.39
N GLY D 65 -9.74 15.18 -10.34
CA GLY D 65 -8.90 15.07 -9.16
C GLY D 65 -7.97 13.87 -8.99
N ASP D 66 -7.83 12.99 -9.98
CA ASP D 66 -6.93 11.87 -9.74
C ASP D 66 -5.76 11.78 -10.72
N PHE D 67 -5.43 12.86 -11.42
CA PHE D 67 -4.31 12.89 -12.38
C PHE D 67 -4.55 12.06 -13.64
N HIS D 68 -5.78 11.57 -13.80
CA HIS D 68 -6.13 10.81 -14.99
C HIS D 68 -7.43 11.33 -15.54
N ALA D 69 -7.35 12.50 -16.14
CA ALA D 69 -8.52 13.15 -16.67
C ALA D 69 -9.17 12.33 -17.80
N PHE D 70 -10.49 12.37 -17.84
CA PHE D 70 -11.21 11.74 -18.91
C PHE D 70 -11.12 12.65 -20.13
N ASP D 71 -11.58 12.13 -21.26
CA ASP D 71 -11.30 12.72 -22.54
C ASP D 71 -12.51 12.99 -23.40
N GLY D 72 -13.68 13.22 -22.83
CA GLY D 72 -14.83 13.48 -23.69
C GLY D 72 -15.42 12.22 -24.29
N LYS D 73 -16.39 12.37 -25.19
CA LYS D 73 -17.08 11.23 -25.76
C LYS D 73 -16.14 10.29 -26.49
N GLY D 74 -16.24 9.00 -26.21
CA GLY D 74 -15.36 8.01 -26.83
C GLY D 74 -14.02 7.91 -26.13
N GLY D 75 -13.07 7.25 -26.80
CA GLY D 75 -11.78 7.02 -26.22
C GLY D 75 -11.93 6.25 -24.93
N ILE D 76 -11.22 6.66 -23.88
CA ILE D 76 -11.32 6.01 -22.59
C ILE D 76 -12.79 6.16 -22.08
N LEU D 77 -13.41 5.03 -21.76
CA LEU D 77 -14.77 5.04 -21.24
C LEU D 77 -14.79 5.07 -19.73
N ALA D 78 -13.74 4.55 -19.10
CA ALA D 78 -13.76 4.39 -17.64
C ALA D 78 -12.41 3.90 -17.15
N HIS D 79 -12.18 3.94 -15.84
CA HIS D 79 -10.95 3.38 -15.29
C HIS D 79 -11.09 3.07 -13.80
N ALA D 80 -10.14 2.31 -13.28
CA ALA D 80 -10.23 1.88 -11.90
C ALA D 80 -8.87 1.61 -11.28
N PHE D 81 -8.77 1.93 -10.00
CA PHE D 81 -7.56 1.69 -9.23
C PHE D 81 -7.56 0.29 -8.64
N GLY D 82 -6.37 -0.31 -8.53
CA GLY D 82 -6.24 -1.64 -7.93
C GLY D 82 -6.35 -1.57 -6.41
N PRO D 83 -6.48 -2.74 -5.76
CA PRO D 83 -6.60 -2.75 -4.30
C PRO D 83 -5.57 -1.87 -3.56
N GLY D 84 -6.06 -1.18 -2.55
CA GLY D 84 -5.26 -0.28 -1.72
C GLY D 84 -6.23 0.55 -0.88
N SER D 85 -5.70 1.48 -0.10
CA SER D 85 -6.53 2.28 0.77
C SER D 85 -6.68 3.61 0.05
N GLY D 86 -7.59 4.45 0.53
CA GLY D 86 -7.87 5.72 -0.12
C GLY D 86 -8.63 5.50 -1.40
N ILE D 87 -8.06 5.99 -2.51
CA ILE D 87 -8.66 5.90 -3.84
C ILE D 87 -8.58 4.47 -4.37
N GLY D 88 -7.78 3.64 -3.71
CA GLY D 88 -7.60 2.27 -4.17
C GLY D 88 -8.94 1.55 -4.30
N GLY D 89 -9.12 0.80 -5.39
CA GLY D 89 -10.36 0.06 -5.61
C GLY D 89 -11.46 0.81 -6.36
N ASP D 90 -11.37 2.13 -6.34
CA ASP D 90 -12.33 2.97 -7.00
C ASP D 90 -12.45 2.76 -8.52
N ALA D 91 -13.68 2.93 -9.01
CA ALA D 91 -13.98 2.75 -10.41
C ALA D 91 -14.69 4.02 -10.87
N HIS D 92 -14.13 4.65 -11.90
CA HIS D 92 -14.68 5.89 -12.43
C HIS D 92 -15.19 5.72 -13.83
N PHE D 93 -16.40 6.22 -14.06
CA PHE D 93 -17.04 6.09 -15.36
C PHE D 93 -17.18 7.47 -16.01
N ASP D 94 -16.68 7.60 -17.24
CA ASP D 94 -16.68 8.87 -17.94
C ASP D 94 -18.09 9.32 -18.28
N GLU D 95 -18.53 10.39 -17.65
CA GLU D 95 -19.90 10.92 -17.83
C GLU D 95 -20.19 11.42 -19.24
N ASP D 96 -19.14 11.73 -20.00
CA ASP D 96 -19.33 12.14 -21.40
C ASP D 96 -19.77 10.99 -22.31
N GLU D 97 -19.76 9.74 -21.81
CA GLU D 97 -20.39 8.68 -22.57
C GLU D 97 -21.87 8.71 -22.16
N PHE D 98 -22.65 7.98 -22.95
CA PHE D 98 -24.07 7.78 -22.68
C PHE D 98 -24.25 6.36 -22.15
N TRP D 99 -24.24 6.20 -20.83
CA TRP D 99 -24.44 4.90 -20.17
C TRP D 99 -25.86 4.35 -20.37
N THR D 100 -25.94 3.09 -20.78
CA THR D 100 -27.24 2.46 -21.00
C THR D 100 -27.37 1.10 -20.34
N THR D 101 -28.63 0.74 -20.11
CA THR D 101 -29.02 -0.56 -19.59
C THR D 101 -28.85 -1.56 -20.71
N HIS D 102 -29.15 -1.15 -21.93
CA HIS D 102 -29.03 -2.08 -23.03
C HIS D 102 -27.95 -1.70 -24.04
N SER D 103 -28.26 -1.86 -25.32
CA SER D 103 -27.32 -1.68 -26.41
C SER D 103 -27.13 -0.27 -26.99
N GLY D 104 -28.04 0.66 -26.69
CA GLY D 104 -28.01 1.99 -27.28
C GLY D 104 -26.72 2.78 -27.15
N GLY D 105 -26.13 2.84 -25.97
CA GLY D 105 -24.92 3.65 -25.80
C GLY D 105 -23.79 2.78 -25.30
N THR D 106 -23.14 3.21 -24.22
CA THR D 106 -22.09 2.39 -23.68
C THR D 106 -22.69 1.58 -22.54
N ASN D 107 -22.77 0.27 -22.72
CA ASN D 107 -23.37 -0.60 -21.72
C ASN D 107 -22.64 -0.54 -20.37
N LEU D 108 -23.36 -0.07 -19.34
CA LEU D 108 -22.81 0.06 -17.99
C LEU D 108 -22.43 -1.31 -17.39
N PHE D 109 -23.32 -2.29 -17.48
CA PHE D 109 -23.03 -3.60 -16.92
C PHE D 109 -21.64 -4.14 -17.34
N LEU D 110 -21.39 -4.16 -18.65
CA LEU D 110 -20.16 -4.70 -19.19
C LEU D 110 -18.93 -3.88 -18.86
N THR D 111 -19.01 -2.56 -18.99
CA THR D 111 -17.87 -1.71 -18.66
C THR D 111 -17.57 -1.91 -17.20
N ALA D 112 -18.64 -2.00 -16.39
CA ALA D 112 -18.53 -2.22 -14.93
C ALA D 112 -17.86 -3.55 -14.59
N VAL D 113 -18.16 -4.62 -15.34
CA VAL D 113 -17.48 -5.88 -15.12
C VAL D 113 -15.94 -5.69 -15.32
N HIS D 114 -15.57 -4.95 -16.36
CA HIS D 114 -14.17 -4.74 -16.70
C HIS D 114 -13.46 -3.91 -15.64
N GLU D 115 -14.06 -2.79 -15.25
CA GLU D 115 -13.49 -1.92 -14.21
C GLU D 115 -13.29 -2.63 -12.85
N ILE D 116 -14.31 -3.37 -12.42
CA ILE D 116 -14.27 -4.10 -11.17
C ILE D 116 -13.15 -5.12 -11.25
N GLY D 117 -12.96 -5.72 -12.42
CA GLY D 117 -11.81 -6.64 -12.65
C GLY D 117 -10.54 -5.92 -12.13
N HIS D 118 -10.32 -4.69 -12.61
CA HIS D 118 -9.19 -3.89 -12.13
C HIS D 118 -9.27 -3.67 -10.63
N SER D 119 -10.47 -3.33 -10.13
CA SER D 119 -10.67 -3.10 -8.68
C SER D 119 -10.20 -4.25 -7.81
N LEU D 120 -10.28 -5.47 -8.34
CA LEU D 120 -9.90 -6.67 -7.61
C LEU D 120 -8.43 -7.08 -7.84
N GLY D 121 -7.76 -6.34 -8.73
CA GLY D 121 -6.34 -6.56 -9.03
C GLY D 121 -5.95 -7.22 -10.36
N LEU D 122 -6.87 -7.33 -11.30
CA LEU D 122 -6.47 -7.92 -12.56
C LEU D 122 -5.97 -6.82 -13.50
N GLY D 123 -5.08 -7.18 -14.41
CA GLY D 123 -4.66 -6.27 -15.47
C GLY D 123 -5.35 -6.74 -16.76
N HIS D 124 -4.91 -6.21 -17.89
CA HIS D 124 -5.50 -6.59 -19.16
C HIS D 124 -5.13 -7.97 -19.74
N SER D 125 -5.95 -8.42 -20.69
CA SER D 125 -5.74 -9.68 -21.40
C SER D 125 -5.50 -9.36 -22.88
N SER D 126 -4.89 -10.29 -23.60
CA SER D 126 -4.70 -10.19 -25.06
C SER D 126 -5.78 -11.03 -25.78
N ASP D 127 -6.60 -11.76 -25.03
CA ASP D 127 -7.63 -12.57 -25.64
C ASP D 127 -8.95 -11.80 -25.86
N PRO D 128 -9.36 -11.60 -27.12
CA PRO D 128 -10.56 -10.78 -27.42
C PRO D 128 -11.84 -11.28 -26.73
N LYS D 129 -11.85 -12.57 -26.37
CA LYS D 129 -12.98 -13.21 -25.69
C LYS D 129 -13.06 -12.85 -24.21
N ALA D 130 -11.93 -12.43 -23.65
CA ALA D 130 -11.83 -12.07 -22.24
C ALA D 130 -12.45 -10.70 -21.97
N VAL D 131 -13.16 -10.53 -20.84
CA VAL D 131 -13.76 -9.23 -20.46
C VAL D 131 -12.65 -8.25 -20.08
N MET D 132 -11.52 -8.79 -19.61
CA MET D 132 -10.37 -7.95 -19.31
C MET D 132 -9.62 -7.45 -20.58
N PHE D 133 -10.05 -7.88 -21.77
CA PHE D 133 -9.53 -7.32 -23.04
C PHE D 133 -9.89 -5.82 -22.95
N PRO D 134 -8.93 -4.93 -23.26
CA PRO D 134 -9.18 -3.50 -22.99
C PRO D 134 -9.95 -2.72 -24.04
N THR D 135 -10.88 -3.37 -24.72
CA THR D 135 -11.71 -2.65 -25.70
C THR D 135 -13.19 -3.04 -25.49
N TYR D 136 -14.09 -2.12 -25.79
CA TYR D 136 -15.52 -2.35 -25.63
C TYR D 136 -16.09 -3.47 -26.51
N LYS D 137 -17.07 -4.19 -25.98
CA LYS D 137 -17.93 -5.06 -26.81
C LYS D 137 -19.34 -5.01 -26.21
N TYR D 138 -20.33 -5.31 -27.02
CA TYR D 138 -21.65 -5.39 -26.48
C TYR D 138 -22.24 -6.80 -26.64
N VAL D 139 -22.79 -7.32 -25.55
CA VAL D 139 -23.51 -8.61 -25.59
C VAL D 139 -24.64 -8.44 -24.59
N ASP D 140 -25.75 -9.13 -24.83
CA ASP D 140 -26.89 -9.08 -23.91
C ASP D 140 -26.42 -9.60 -22.55
N ILE D 141 -26.90 -9.00 -21.46
CA ILE D 141 -26.49 -9.37 -20.08
C ILE D 141 -26.68 -10.84 -19.76
N ASN D 142 -27.79 -11.43 -20.24
CA ASN D 142 -28.11 -12.83 -19.99
C ASN D 142 -27.19 -13.81 -20.69
N THR D 143 -26.50 -13.36 -21.73
CA THR D 143 -25.60 -14.20 -22.53
C THR D 143 -24.14 -14.04 -22.12
N PHE D 144 -23.87 -13.02 -21.31
CA PHE D 144 -22.50 -12.77 -20.89
C PHE D 144 -21.88 -13.88 -20.05
N ARG D 145 -20.62 -14.22 -20.37
CA ARG D 145 -19.87 -15.26 -19.65
C ARG D 145 -18.41 -14.82 -19.51
N LEU D 146 -17.82 -14.97 -18.33
CA LEU D 146 -16.39 -14.70 -18.23
C LEU D 146 -15.68 -15.75 -19.08
N SER D 147 -14.55 -15.42 -19.69
CA SER D 147 -13.79 -16.40 -20.45
C SER D 147 -12.91 -17.15 -19.48
N ALA D 148 -12.30 -18.23 -19.95
CA ALA D 148 -11.42 -19.03 -19.13
C ALA D 148 -10.21 -18.22 -18.64
N ASP D 149 -9.74 -17.31 -19.48
CA ASP D 149 -8.60 -16.48 -19.12
C ASP D 149 -8.91 -15.64 -17.87
N ASP D 150 -10.09 -15.01 -17.87
CA ASP D 150 -10.59 -14.24 -16.74
C ASP D 150 -10.71 -15.09 -15.49
N ILE D 151 -11.29 -16.28 -15.64
CA ILE D 151 -11.48 -17.18 -14.51
C ILE D 151 -10.13 -17.56 -13.89
N ARG D 152 -9.21 -18.06 -14.70
CA ARG D 152 -7.86 -18.36 -14.28
C ARG D 152 -7.22 -17.20 -13.49
N GLY D 153 -7.34 -16.00 -14.04
CA GLY D 153 -6.69 -14.85 -13.43
C GLY D 153 -7.23 -14.44 -12.07
N ILE D 154 -8.54 -14.22 -11.96
CA ILE D 154 -9.13 -13.80 -10.69
C ILE D 154 -9.00 -14.93 -9.66
N GLN D 155 -9.10 -16.18 -10.12
CA GLN D 155 -8.99 -17.33 -9.23
C GLN D 155 -7.56 -17.61 -8.80
N SER D 156 -6.57 -17.07 -9.53
CA SER D 156 -5.19 -17.26 -9.12
C SER D 156 -4.91 -16.22 -8.05
N LEU D 157 -5.76 -15.20 -7.97
CA LEU D 157 -5.64 -14.14 -6.96
C LEU D 157 -6.41 -14.42 -5.66
N TYR D 158 -7.59 -15.03 -5.77
CA TYR D 158 -8.45 -15.25 -4.60
C TYR D 158 -8.94 -16.68 -4.42
N GLY D 159 -8.59 -17.58 -5.34
CA GLY D 159 -9.07 -18.95 -5.23
C GLY D 159 -10.49 -19.09 -5.77
N ASP D 160 -10.94 -20.33 -5.95
CA ASP D 160 -12.31 -20.56 -6.44
C ASP D 160 -13.36 -20.45 -5.33
N PRO D 161 -14.65 -20.46 -5.70
CA PRO D 161 -15.72 -20.36 -4.73
C PRO D 161 -15.97 -21.68 -4.00
#